data_3Q0P
#
_entry.id   3Q0P
#
_cell.length_a   262.326
_cell.length_b   37.483
_cell.length_c   82.299
_cell.angle_alpha   90.00
_cell.angle_beta   102.83
_cell.angle_gamma   90.00
#
_symmetry.space_group_name_H-M   'C 1 2 1'
#
loop_
_entity.id
_entity.type
_entity.pdbx_description
1 polymer 'Pumilio homolog 1'
2 polymer "5'-R(UP*GP*UP*AP*UP*AP*UP*A)-3'"
3 non-polymer 'CHLORIDE ION'
4 water water
#
loop_
_entity_poly.entity_id
_entity_poly.type
_entity_poly.pdbx_seq_one_letter_code
_entity_poly.pdbx_strand_id
1 'polypeptide(L)'
;GRSRLLEDFRNNRYPNLQLREIAGHIMEFSQDQHGSRFIQLKLERATPAERQLVFNEILQAAYQLMVDVFGNYVIQKFFE
FGSLEQKLALAERIRGHVLSLALQMYGCRVIQKALEFIPSDQQNEMVRELDGHVLKCVKDQNGNHVVQKCIECVQPQSLQ
FIIDAFKGQVFALSTHPYGCRVIQRILEHCLPDQTLPILEELHQHTEQLVQDQYGNYVIQHVLEHGRPEDKSKIVAEIRG
NVLVLSQHKFASNVVEKCVTHASRTERAVLIDEVCTMNDGPHSALYTMMKDQYANYVVQKMIDVAEPGQRKIVMHKIRPH
IATLRKYTYGKHILAKLEKYYMKNGVDLG
;
A,B
2 'polyribonucleotide' UGUAUAUA C,D
#
loop_
_chem_comp.id
_chem_comp.type
_chem_comp.name
_chem_comp.formula
A RNA linking ADENOSINE-5'-MONOPHOSPHATE 'C10 H14 N5 O7 P'
CL non-polymer 'CHLORIDE ION' 'Cl -1'
G RNA linking GUANOSINE-5'-MONOPHOSPHATE 'C10 H14 N5 O8 P'
U RNA linking URIDINE-5'-MONOPHOSPHATE 'C9 H13 N2 O9 P'
#
# COMPACT_ATOMS: atom_id res chain seq x y z
N GLY A 1 9.82 -49.29 38.46
CA GLY A 1 9.93 -47.84 38.53
C GLY A 1 8.73 -47.13 37.91
N ARG A 2 8.59 -47.28 36.60
CA ARG A 2 7.41 -46.79 35.89
C ARG A 2 6.24 -47.71 36.17
N SER A 3 5.08 -47.11 36.41
CA SER A 3 3.86 -47.86 36.66
C SER A 3 3.45 -48.60 35.40
N ARG A 4 2.67 -49.66 35.54
CA ARG A 4 2.18 -50.36 34.37
C ARG A 4 1.43 -49.40 33.43
N LEU A 5 0.58 -48.56 34.01
CA LEU A 5 -0.16 -47.61 33.19
C LEU A 5 0.79 -46.72 32.39
N LEU A 6 1.91 -46.30 32.99
CA LEU A 6 2.87 -45.47 32.27
C LEU A 6 3.62 -46.22 31.17
N GLU A 7 4.22 -47.35 31.50
CA GLU A 7 4.87 -48.19 30.48
C GLU A 7 3.90 -48.49 29.33
N ASP A 8 2.76 -49.11 29.67
CA ASP A 8 1.72 -49.42 28.68
C ASP A 8 1.30 -48.19 27.88
N PHE A 9 1.36 -47.02 28.50
CA PHE A 9 1.09 -45.79 27.78
C PHE A 9 2.23 -45.48 26.82
N ARG A 10 3.45 -45.50 27.33
CA ARG A 10 4.63 -45.33 26.50
C ARG A 10 4.58 -46.32 25.35
N ASN A 11 4.39 -47.59 25.70
CA ASN A 11 4.35 -48.69 24.74
C ASN A 11 3.21 -48.58 23.75
N ASN A 12 2.56 -47.42 23.70
CA ASN A 12 1.44 -47.20 22.78
C ASN A 12 0.34 -48.23 22.95
N ARG A 13 -0.43 -48.11 24.02
CA ARG A 13 -1.54 -49.03 24.24
C ARG A 13 -2.82 -48.30 24.66
N TYR A 14 -2.78 -46.97 24.54
CA TYR A 14 -3.92 -46.12 24.83
C TYR A 14 -3.87 -44.89 23.93
N PRO A 15 -4.24 -45.04 22.66
CA PRO A 15 -4.30 -43.86 21.79
C PRO A 15 -5.50 -43.01 22.17
N ASN A 16 -6.41 -43.60 22.93
CA ASN A 16 -7.62 -42.88 23.38
C ASN A 16 -7.57 -42.59 24.86
N LEU A 17 -6.36 -42.49 25.41
CA LEU A 17 -6.20 -42.18 26.81
C LEU A 17 -6.70 -40.76 27.08
N GLN A 18 -7.52 -40.62 28.11
CA GLN A 18 -8.04 -39.32 28.53
C GLN A 18 -7.45 -38.94 29.88
N LEU A 19 -7.47 -37.65 30.19
CA LEU A 19 -6.98 -37.16 31.46
C LEU A 19 -7.57 -37.93 32.63
N ARG A 20 -8.86 -38.19 32.56
CA ARG A 20 -9.58 -38.84 33.65
C ARG A 20 -9.04 -40.26 33.90
N GLU A 21 -8.45 -40.87 32.88
CA GLU A 21 -7.93 -42.23 33.01
C GLU A 21 -6.60 -42.33 33.78
N ILE A 22 -5.85 -41.23 33.86
CA ILE A 22 -4.59 -41.26 34.59
C ILE A 22 -4.70 -40.62 35.97
N ALA A 23 -5.83 -40.80 36.62
CA ALA A 23 -5.98 -40.33 37.99
C ALA A 23 -5.00 -41.10 38.85
N GLY A 24 -4.43 -40.45 39.85
CA GLY A 24 -3.46 -41.07 40.72
C GLY A 24 -2.08 -41.17 40.10
N HIS A 25 -1.93 -40.64 38.87
CA HIS A 25 -0.73 -40.84 38.07
C HIS A 25 -0.15 -39.56 37.48
N ILE A 26 -0.60 -38.40 37.95
CA ILE A 26 -0.19 -37.13 37.33
C ILE A 26 1.29 -36.80 37.52
N MET A 27 1.79 -36.96 38.74
CA MET A 27 3.20 -36.67 39.03
C MET A 27 4.16 -37.49 38.18
N GLU A 28 3.84 -38.75 38.00
CA GLU A 28 4.66 -39.66 37.22
C GLU A 28 4.62 -39.31 35.74
N PHE A 29 3.41 -39.14 35.21
CA PHE A 29 3.24 -38.73 33.83
C PHE A 29 3.87 -37.39 33.56
N SER A 30 3.76 -36.49 34.53
CA SER A 30 4.30 -35.15 34.39
C SER A 30 5.82 -35.14 34.26
N GLN A 31 6.48 -36.07 34.95
CA GLN A 31 7.93 -36.20 34.90
C GLN A 31 8.40 -37.13 33.81
N ASP A 32 7.51 -37.45 32.87
CA ASP A 32 7.82 -38.31 31.73
C ASP A 32 7.59 -37.51 30.45
N GLN A 33 8.48 -37.67 29.46
CA GLN A 33 8.43 -36.79 28.28
C GLN A 33 7.12 -36.91 27.49
N HIS A 34 6.69 -38.15 27.22
CA HIS A 34 5.43 -38.38 26.53
C HIS A 34 4.23 -38.03 27.40
N GLY A 35 4.27 -38.51 28.64
CA GLY A 35 3.22 -38.21 29.60
C GLY A 35 3.00 -36.71 29.75
N SER A 36 4.11 -35.98 29.90
CA SER A 36 4.08 -34.53 30.06
C SER A 36 3.42 -33.87 28.86
N ARG A 37 3.87 -34.26 27.66
CA ARG A 37 3.26 -33.77 26.43
C ARG A 37 1.77 -34.10 26.42
N PHE A 38 1.46 -35.34 26.76
CA PHE A 38 0.07 -35.78 26.82
C PHE A 38 -0.75 -34.82 27.68
N ILE A 39 -0.24 -34.56 28.88
CA ILE A 39 -0.92 -33.69 29.82
C ILE A 39 -1.12 -32.27 29.29
N GLN A 40 -0.08 -31.72 28.66
CA GLN A 40 -0.15 -30.37 28.09
C GLN A 40 -1.20 -30.30 26.99
N LEU A 41 -1.09 -31.22 26.04
CA LEU A 41 -2.06 -31.32 24.97
C LEU A 41 -3.49 -31.28 25.53
N LYS A 42 -3.76 -32.16 26.48
CA LYS A 42 -5.10 -32.33 27.03
C LYS A 42 -5.57 -31.10 27.83
N LEU A 43 -4.63 -30.28 28.29
CA LEU A 43 -4.95 -29.18 29.18
C LEU A 43 -5.47 -27.92 28.48
N GLU A 44 -4.89 -27.61 27.30
CA GLU A 44 -5.26 -26.41 26.59
C GLU A 44 -6.74 -26.44 26.23
N ARG A 45 -7.30 -27.64 26.22
CA ARG A 45 -8.72 -27.83 25.95
C ARG A 45 -9.36 -28.82 26.91
N ALA A 46 -9.24 -28.56 28.21
CA ALA A 46 -9.84 -29.42 29.24
C ALA A 46 -10.87 -28.63 30.03
N THR A 47 -11.94 -29.30 30.46
CA THR A 47 -12.94 -28.63 31.27
C THR A 47 -12.31 -28.30 32.61
N PRO A 48 -12.71 -27.17 33.20
CA PRO A 48 -12.20 -26.76 34.51
C PRO A 48 -12.15 -27.89 35.53
N ALA A 49 -13.09 -28.83 35.45
CA ALA A 49 -13.09 -29.97 36.37
C ALA A 49 -11.93 -30.91 36.09
N GLU A 50 -11.66 -31.17 34.82
CA GLU A 50 -10.53 -32.00 34.44
C GLU A 50 -9.24 -31.31 34.86
N ARG A 51 -9.13 -30.03 34.55
CA ARG A 51 -7.94 -29.27 34.90
C ARG A 51 -7.73 -29.30 36.41
N GLN A 52 -8.84 -29.37 37.15
CA GLN A 52 -8.78 -29.39 38.60
C GLN A 52 -8.34 -30.75 39.14
N LEU A 53 -8.78 -31.84 38.52
CA LEU A 53 -8.29 -33.16 38.95
C LEU A 53 -6.78 -33.22 38.83
N VAL A 54 -6.25 -32.68 37.72
CA VAL A 54 -4.82 -32.70 37.46
C VAL A 54 -4.07 -31.83 38.46
N PHE A 55 -4.62 -30.64 38.73
CA PHE A 55 -4.00 -29.74 39.69
C PHE A 55 -3.87 -30.39 41.08
N ASN A 56 -4.95 -30.99 41.57
CA ASN A 56 -4.94 -31.60 42.89
C ASN A 56 -3.72 -32.47 43.17
N GLU A 57 -3.18 -33.08 42.12
CA GLU A 57 -2.10 -34.04 42.30
C GLU A 57 -0.72 -33.43 42.10
N ILE A 58 -0.65 -32.19 41.60
CA ILE A 58 0.65 -31.56 41.39
C ILE A 58 0.94 -30.45 42.38
N LEU A 59 -0.09 -30.01 43.08
CA LEU A 59 0.03 -28.86 43.99
C LEU A 59 1.10 -29.09 45.04
N GLN A 60 1.00 -30.19 45.78
CA GLN A 60 1.90 -30.43 46.90
C GLN A 60 3.35 -30.55 46.43
N ALA A 61 3.59 -31.36 45.40
CA ALA A 61 4.93 -31.56 44.88
C ALA A 61 5.27 -30.62 43.71
N ALA A 62 4.62 -29.47 43.66
CA ALA A 62 4.83 -28.52 42.56
C ALA A 62 6.31 -28.21 42.30
N TYR A 63 7.03 -27.85 43.36
CA TYR A 63 8.43 -27.46 43.23
C TYR A 63 9.21 -28.48 42.43
N GLN A 64 8.96 -29.74 42.75
CA GLN A 64 9.61 -30.87 42.10
C GLN A 64 9.34 -30.93 40.60
N LEU A 65 8.15 -30.47 40.19
CA LEU A 65 7.84 -30.40 38.77
C LEU A 65 8.47 -29.19 38.10
N MET A 66 8.65 -28.11 38.85
CA MET A 66 9.19 -26.88 38.31
C MET A 66 10.67 -27.02 37.96
N VAL A 67 11.37 -27.89 38.71
CA VAL A 67 12.77 -28.13 38.48
C VAL A 67 12.98 -29.46 37.77
N ASP A 68 11.97 -29.92 37.05
CA ASP A 68 12.06 -31.16 36.33
C ASP A 68 12.16 -30.87 34.85
N VAL A 69 12.99 -31.62 34.13
CA VAL A 69 13.18 -31.38 32.71
C VAL A 69 11.87 -31.49 31.90
N PHE A 70 10.91 -32.25 32.42
CA PHE A 70 9.67 -32.47 31.67
C PHE A 70 8.45 -31.87 32.37
N GLY A 71 8.53 -31.78 33.70
CA GLY A 71 7.42 -31.29 34.50
C GLY A 71 7.22 -29.79 34.47
N ASN A 72 8.28 -29.05 34.15
CA ASN A 72 8.19 -27.59 34.21
C ASN A 72 7.16 -27.03 33.23
N TYR A 73 6.92 -27.72 32.12
CA TYR A 73 5.93 -27.26 31.15
C TYR A 73 4.50 -27.42 31.69
N VAL A 74 4.29 -28.42 32.54
CA VAL A 74 2.96 -28.64 33.11
C VAL A 74 2.59 -27.50 34.04
N ILE A 75 3.49 -27.19 34.96
CA ILE A 75 3.33 -26.02 35.81
C ILE A 75 3.05 -24.78 34.96
N GLN A 76 3.90 -24.56 33.96
CA GLN A 76 3.76 -23.38 33.11
C GLN A 76 2.35 -23.25 32.55
N LYS A 77 1.76 -24.36 32.12
CA LYS A 77 0.42 -24.30 31.55
C LYS A 77 -0.60 -23.77 32.56
N PHE A 78 -0.43 -24.15 33.82
CA PHE A 78 -1.40 -23.70 34.82
C PHE A 78 -1.25 -22.21 35.06
N PHE A 79 -0.05 -21.70 34.80
CA PHE A 79 0.20 -20.27 34.90
C PHE A 79 -0.40 -19.53 33.71
N GLU A 80 -0.37 -20.19 32.55
CA GLU A 80 -1.04 -19.66 31.38
C GLU A 80 -2.54 -19.91 31.47
N PHE A 81 -2.94 -21.18 31.34
CA PHE A 81 -4.33 -21.58 31.15
C PHE A 81 -5.11 -22.00 32.40
N GLY A 82 -4.41 -22.05 33.54
CA GLY A 82 -5.05 -22.38 34.80
C GLY A 82 -6.09 -21.37 35.23
N SER A 83 -6.33 -21.30 36.53
CA SER A 83 -7.35 -20.39 37.05
C SER A 83 -6.71 -19.48 38.07
N LEU A 84 -7.38 -18.38 38.32
CA LEU A 84 -6.87 -17.40 39.24
C LEU A 84 -6.45 -18.02 40.57
N GLU A 85 -7.25 -18.97 41.07
CA GLU A 85 -6.95 -19.64 42.35
C GLU A 85 -5.82 -20.63 42.22
N GLN A 86 -5.78 -21.32 41.08
CA GLN A 86 -4.69 -22.24 40.78
C GLN A 86 -3.34 -21.52 40.66
N LYS A 87 -3.31 -20.38 39.98
CA LYS A 87 -2.10 -19.59 39.83
C LYS A 87 -1.63 -19.05 41.18
N LEU A 88 -2.59 -18.68 42.01
CA LEU A 88 -2.22 -18.16 43.32
C LEU A 88 -1.66 -19.25 44.23
N ALA A 89 -2.11 -20.48 44.08
CA ALA A 89 -1.67 -21.56 44.96
C ALA A 89 -0.26 -22.05 44.61
N LEU A 90 0.05 -22.05 43.31
CA LEU A 90 1.41 -22.34 42.85
C LEU A 90 2.36 -21.22 43.27
N ALA A 91 1.89 -19.99 43.15
CA ALA A 91 2.62 -18.85 43.67
C ALA A 91 3.06 -19.08 45.13
N GLU A 92 2.19 -19.71 45.92
CA GLU A 92 2.52 -20.07 47.30
C GLU A 92 3.60 -21.17 47.39
N ARG A 93 3.49 -22.20 46.55
CA ARG A 93 4.50 -23.26 46.55
C ARG A 93 5.88 -22.72 46.17
N ILE A 94 5.88 -21.58 45.49
CA ILE A 94 7.10 -20.93 45.06
C ILE A 94 7.74 -20.09 46.19
N ARG A 95 6.92 -19.63 47.12
CA ARG A 95 7.39 -18.71 48.15
C ARG A 95 8.56 -19.23 48.97
N GLY A 96 9.64 -18.45 49.01
CA GLY A 96 10.84 -18.83 49.73
C GLY A 96 11.83 -19.58 48.86
N HIS A 97 11.44 -19.83 47.60
CA HIS A 97 12.28 -20.57 46.67
C HIS A 97 12.52 -19.81 45.37
N VAL A 98 12.11 -18.56 45.31
CA VAL A 98 12.25 -17.79 44.07
C VAL A 98 13.71 -17.75 43.60
N LEU A 99 14.63 -17.47 44.51
CA LEU A 99 16.04 -17.39 44.18
C LEU A 99 16.57 -18.68 43.56
N SER A 100 16.39 -19.80 44.26
CA SER A 100 16.98 -21.07 43.85
C SER A 100 16.30 -21.61 42.60
N LEU A 101 15.06 -21.19 42.38
CA LEU A 101 14.34 -21.52 41.16
C LEU A 101 14.78 -20.68 39.97
N ALA A 102 15.20 -19.44 40.24
CA ALA A 102 15.54 -18.52 39.17
C ALA A 102 16.94 -18.80 38.66
N LEU A 103 17.74 -19.49 39.48
CA LEU A 103 19.04 -19.97 39.06
C LEU A 103 18.98 -21.41 38.51
N GLN A 104 17.78 -21.97 38.44
CA GLN A 104 17.58 -23.36 38.03
C GLN A 104 17.27 -23.46 36.55
N MET A 105 17.95 -24.38 35.87
CA MET A 105 17.81 -24.57 34.42
C MET A 105 16.35 -24.66 33.97
N TYR A 106 15.54 -25.34 34.76
CA TYR A 106 14.13 -25.55 34.44
C TYR A 106 13.22 -24.65 35.27
N GLY A 107 13.51 -24.54 36.56
CA GLY A 107 12.74 -23.68 37.45
C GLY A 107 12.60 -22.24 36.98
N CYS A 108 13.63 -21.69 36.35
CA CYS A 108 13.59 -20.28 35.97
C CYS A 108 12.58 -20.00 34.88
N ARG A 109 12.20 -21.03 34.12
CA ARG A 109 11.16 -20.88 33.11
C ARG A 109 9.80 -20.75 33.76
N VAL A 110 9.69 -21.30 34.97
CA VAL A 110 8.44 -21.24 35.71
C VAL A 110 8.32 -19.88 36.37
N ILE A 111 9.40 -19.39 36.94
CA ILE A 111 9.42 -18.07 37.56
C ILE A 111 9.06 -17.00 36.52
N GLN A 112 9.62 -17.15 35.33
CA GLN A 112 9.35 -16.23 34.24
C GLN A 112 7.87 -16.21 33.89
N LYS A 113 7.30 -17.39 33.74
CA LYS A 113 5.88 -17.52 33.41
C LYS A 113 4.98 -17.02 34.54
N ALA A 114 5.37 -17.29 35.78
CA ALA A 114 4.59 -16.82 36.93
C ALA A 114 4.51 -15.29 36.92
N LEU A 115 5.65 -14.65 36.67
CA LEU A 115 5.70 -13.17 36.69
C LEU A 115 4.76 -12.54 35.67
N GLU A 116 4.56 -13.22 34.55
CA GLU A 116 3.68 -12.71 33.52
C GLU A 116 2.21 -12.80 33.95
N PHE A 117 1.87 -13.80 34.75
CA PHE A 117 0.46 -14.10 34.98
C PHE A 117 -0.10 -13.88 36.39
N ILE A 118 0.73 -13.50 37.35
CA ILE A 118 0.23 -13.26 38.69
C ILE A 118 0.01 -11.77 38.95
N PRO A 119 -0.77 -11.43 40.01
CA PRO A 119 -1.07 -10.04 40.38
C PRO A 119 0.14 -9.36 40.98
N SER A 120 0.12 -8.02 41.01
CA SER A 120 1.29 -7.26 41.39
C SER A 120 1.73 -7.55 42.81
N ASP A 121 0.78 -7.98 43.63
CA ASP A 121 1.07 -8.35 45.01
C ASP A 121 2.11 -9.46 45.01
N GLN A 122 1.83 -10.51 44.23
CA GLN A 122 2.68 -11.70 44.18
C GLN A 122 3.96 -11.45 43.39
N GLN A 123 3.85 -10.65 42.34
CA GLN A 123 5.04 -10.21 41.64
C GLN A 123 6.00 -9.58 42.62
N ASN A 124 5.51 -8.62 43.39
CA ASN A 124 6.37 -7.86 44.29
C ASN A 124 6.99 -8.69 45.41
N GLU A 125 6.31 -9.74 45.83
CA GLU A 125 6.92 -10.67 46.78
C GLU A 125 8.05 -11.49 46.15
N MET A 126 7.86 -11.94 44.92
CA MET A 126 8.86 -12.72 44.21
C MET A 126 10.13 -11.91 44.02
N VAL A 127 9.98 -10.76 43.39
CA VAL A 127 11.06 -9.80 43.25
C VAL A 127 11.81 -9.60 44.56
N ARG A 128 11.11 -9.23 45.62
CA ARG A 128 11.74 -9.00 46.91
C ARG A 128 12.64 -10.14 47.37
N GLU A 129 12.34 -11.36 46.95
CA GLU A 129 13.17 -12.51 47.33
C GLU A 129 14.54 -12.46 46.67
N LEU A 130 14.70 -11.62 45.65
CA LEU A 130 15.99 -11.43 44.99
C LEU A 130 16.82 -10.30 45.64
N ASP A 131 16.19 -9.50 46.47
CA ASP A 131 16.89 -8.51 47.28
C ASP A 131 18.21 -9.11 47.76
N GLY A 132 19.31 -8.47 47.40
CA GLY A 132 20.62 -8.94 47.82
C GLY A 132 21.36 -9.86 46.85
N HIS A 133 20.69 -10.31 45.79
CA HIS A 133 21.34 -11.19 44.81
C HIS A 133 21.13 -10.68 43.40
N VAL A 134 21.13 -9.37 43.23
CA VAL A 134 20.85 -8.82 41.92
C VAL A 134 21.97 -9.15 40.94
N LEU A 135 23.21 -8.86 41.31
CA LEU A 135 24.31 -9.13 40.40
C LEU A 135 24.54 -10.64 40.19
N LYS A 136 24.18 -11.43 41.20
CA LYS A 136 24.30 -12.88 41.10
C LYS A 136 23.36 -13.45 40.04
N CYS A 137 22.12 -12.97 40.05
CA CYS A 137 21.13 -13.40 39.09
C CYS A 137 21.44 -12.87 37.69
N VAL A 138 21.84 -11.61 37.62
CA VAL A 138 22.17 -11.00 36.33
C VAL A 138 23.31 -11.74 35.63
N LYS A 139 24.25 -12.28 36.42
CA LYS A 139 25.40 -12.97 35.84
C LYS A 139 25.17 -14.45 35.60
N ASP A 140 24.13 -15.00 36.23
CA ASP A 140 23.76 -16.40 36.04
C ASP A 140 23.00 -16.60 34.73
N GLN A 141 23.28 -17.71 34.05
CA GLN A 141 22.70 -18.00 32.75
C GLN A 141 21.21 -18.31 32.82
N ASN A 142 20.73 -18.67 34.00
CA ASN A 142 19.30 -18.84 34.23
C ASN A 142 18.71 -17.56 34.79
N GLY A 143 19.27 -17.10 35.90
CA GLY A 143 18.81 -15.91 36.60
C GLY A 143 18.55 -14.68 35.74
N ASN A 144 19.45 -14.39 34.81
CA ASN A 144 19.37 -13.15 34.06
C ASN A 144 18.08 -13.03 33.26
N HIS A 145 17.52 -14.16 32.86
CA HIS A 145 16.26 -14.15 32.11
C HIS A 145 15.10 -13.85 33.05
N VAL A 146 15.27 -14.15 34.32
CA VAL A 146 14.28 -13.81 35.32
C VAL A 146 14.32 -12.32 35.63
N VAL A 147 15.52 -11.77 35.75
CA VAL A 147 15.65 -10.34 35.99
C VAL A 147 15.10 -9.50 34.81
N GLN A 148 15.32 -9.97 33.59
CA GLN A 148 14.77 -9.27 32.42
C GLN A 148 13.26 -9.29 32.47
N LYS A 149 12.72 -10.45 32.83
CA LYS A 149 11.28 -10.63 32.94
C LYS A 149 10.68 -9.73 34.05
N CYS A 150 11.31 -9.72 35.22
CA CYS A 150 10.90 -8.80 36.28
C CYS A 150 10.74 -7.40 35.71
N ILE A 151 11.84 -6.88 35.16
CA ILE A 151 11.88 -5.55 34.57
C ILE A 151 10.76 -5.31 33.56
N GLU A 152 10.44 -6.30 32.73
CA GLU A 152 9.35 -6.13 31.77
C GLU A 152 7.97 -6.17 32.43
N CYS A 153 7.85 -6.94 33.52
CA CYS A 153 6.52 -7.27 34.07
C CYS A 153 6.10 -6.54 35.33
N VAL A 154 7.06 -6.13 36.15
CA VAL A 154 6.73 -5.58 37.45
C VAL A 154 6.77 -4.07 37.43
N GLN A 155 5.97 -3.45 38.30
CA GLN A 155 5.98 -2.00 38.44
C GLN A 155 7.42 -1.50 38.65
N PRO A 156 7.84 -0.51 37.86
CA PRO A 156 9.22 0.01 37.85
C PRO A 156 9.71 0.42 39.23
N GLN A 157 8.78 0.76 40.12
CA GLN A 157 9.15 1.24 41.44
C GLN A 157 9.57 0.09 42.37
N SER A 158 9.11 -1.12 42.08
CA SER A 158 9.52 -2.30 42.83
C SER A 158 10.89 -2.79 42.39
N LEU A 159 11.40 -2.20 41.32
CA LEU A 159 12.65 -2.65 40.73
C LEU A 159 13.82 -1.75 41.13
N GLN A 160 13.54 -0.77 41.98
CA GLN A 160 14.55 0.22 42.39
C GLN A 160 15.82 -0.41 42.94
N PHE A 161 15.68 -1.56 43.60
CA PHE A 161 16.83 -2.25 44.20
C PHE A 161 17.77 -2.84 43.14
N ILE A 162 17.24 -3.10 41.95
CA ILE A 162 18.07 -3.59 40.85
C ILE A 162 18.90 -2.42 40.37
N ILE A 163 18.25 -1.28 40.24
CA ILE A 163 18.93 -0.03 39.89
C ILE A 163 20.08 0.23 40.88
N ASP A 164 19.75 0.30 42.16
CA ASP A 164 20.77 0.52 43.19
C ASP A 164 22.01 -0.35 42.96
N ALA A 165 21.79 -1.58 42.50
CA ALA A 165 22.90 -2.50 42.28
C ALA A 165 23.69 -2.21 41.00
N PHE A 166 23.04 -1.62 40.01
CA PHE A 166 23.71 -1.32 38.74
C PHE A 166 24.50 -0.03 38.86
N LYS A 167 24.16 0.76 39.87
CA LYS A 167 24.84 2.03 40.11
C LYS A 167 26.34 1.79 40.31
N GLY A 168 27.14 2.52 39.55
CA GLY A 168 28.59 2.39 39.63
C GLY A 168 29.13 1.22 38.86
N GLN A 169 28.24 0.38 38.34
CA GLN A 169 28.64 -0.87 37.71
C GLN A 169 28.11 -1.01 36.30
N VAL A 170 27.59 0.09 35.75
CA VAL A 170 26.93 0.08 34.46
C VAL A 170 27.86 -0.21 33.30
N PHE A 171 29.08 0.32 33.36
CA PHE A 171 30.04 0.01 32.33
C PHE A 171 30.38 -1.48 32.38
N ALA A 172 30.69 -1.98 33.56
CA ALA A 172 30.94 -3.42 33.75
C ALA A 172 29.85 -4.30 33.14
N LEU A 173 28.60 -3.98 33.45
CA LEU A 173 27.46 -4.81 33.06
C LEU A 173 27.04 -4.64 31.59
N SER A 174 27.46 -3.55 30.98
CA SER A 174 27.09 -3.28 29.60
C SER A 174 28.00 -4.06 28.66
N THR A 175 29.20 -4.38 29.15
CA THR A 175 30.12 -5.20 28.37
C THR A 175 29.98 -6.68 28.74
N HIS A 176 29.07 -6.97 29.68
CA HIS A 176 28.79 -8.34 30.09
C HIS A 176 27.71 -8.94 29.16
N PRO A 177 27.80 -10.25 28.87
CA PRO A 177 26.88 -10.90 27.91
C PRO A 177 25.42 -10.96 28.34
N TYR A 178 25.16 -11.11 29.64
CA TYR A 178 23.77 -11.10 30.12
C TYR A 178 23.35 -9.70 30.58
N GLY A 179 24.31 -8.97 31.16
CA GLY A 179 24.04 -7.66 31.73
C GLY A 179 23.60 -6.63 30.71
N CYS A 180 24.16 -6.73 29.52
CA CYS A 180 23.77 -5.84 28.44
C CYS A 180 22.29 -6.03 28.08
N ARG A 181 21.78 -7.25 28.26
CA ARG A 181 20.35 -7.53 28.03
C ARG A 181 19.49 -6.82 29.07
N VAL A 182 19.87 -6.96 30.34
CA VAL A 182 19.18 -6.31 31.44
C VAL A 182 19.22 -4.78 31.36
N ILE A 183 20.38 -4.22 31.04
CA ILE A 183 20.50 -2.78 30.85
C ILE A 183 19.50 -2.27 29.82
N GLN A 184 19.44 -2.94 28.67
CA GLN A 184 18.47 -2.57 27.64
C GLN A 184 17.01 -2.56 28.18
N ARG A 185 16.61 -3.63 28.87
CA ARG A 185 15.27 -3.71 29.46
C ARG A 185 14.96 -2.56 30.42
N ILE A 186 15.95 -2.17 31.22
CA ILE A 186 15.79 -1.03 32.12
C ILE A 186 15.56 0.27 31.36
N LEU A 187 16.24 0.42 30.24
CA LEU A 187 16.08 1.61 29.40
C LEU A 187 14.68 1.66 28.83
N GLU A 188 14.11 0.49 28.58
CA GLU A 188 12.77 0.41 28.00
C GLU A 188 11.64 0.62 29.01
N HIS A 189 11.79 0.07 30.21
CA HIS A 189 10.66 -0.04 31.13
C HIS A 189 10.80 0.78 32.40
N CYS A 190 11.98 1.31 32.66
CA CYS A 190 12.18 1.99 33.95
C CYS A 190 11.89 3.48 33.93
N LEU A 191 11.70 4.02 35.13
CA LEU A 191 11.38 5.43 35.34
C LEU A 191 12.57 6.37 35.08
N PRO A 192 12.27 7.64 34.82
CA PRO A 192 13.28 8.70 34.65
C PRO A 192 14.30 8.77 35.77
N ASP A 193 13.87 8.60 37.01
CA ASP A 193 14.80 8.63 38.13
C ASP A 193 15.72 7.43 38.07
N GLN A 194 15.36 6.46 37.24
CA GLN A 194 16.09 5.20 37.22
C GLN A 194 17.01 5.11 36.02
N THR A 195 16.52 5.54 34.86
CA THR A 195 17.32 5.46 33.64
C THR A 195 18.33 6.59 33.58
N LEU A 196 18.02 7.68 34.27
CA LEU A 196 18.92 8.83 34.35
C LEU A 196 20.35 8.48 34.80
N PRO A 197 20.49 7.96 36.03
CA PRO A 197 21.83 7.65 36.51
C PRO A 197 22.52 6.65 35.58
N ILE A 198 21.76 5.71 35.04
CA ILE A 198 22.33 4.72 34.14
C ILE A 198 22.79 5.36 32.83
N LEU A 199 22.04 6.34 32.34
CA LEU A 199 22.41 6.99 31.11
C LEU A 199 23.70 7.78 31.30
N GLU A 200 23.87 8.36 32.49
CA GLU A 200 25.09 9.09 32.80
C GLU A 200 26.33 8.21 32.73
N GLU A 201 26.29 7.04 33.38
CA GLU A 201 27.42 6.12 33.29
C GLU A 201 27.66 5.69 31.84
N LEU A 202 26.59 5.48 31.08
CA LEU A 202 26.71 5.09 29.68
C LEU A 202 27.43 6.16 28.84
N HIS A 203 27.08 7.43 29.05
CA HIS A 203 27.74 8.51 28.31
C HIS A 203 29.21 8.62 28.69
N GLN A 204 29.50 8.37 29.95
CA GLN A 204 30.86 8.40 30.47
C GLN A 204 31.78 7.36 29.79
N HIS A 205 31.20 6.26 29.32
CA HIS A 205 32.02 5.19 28.73
C HIS A 205 31.64 4.86 27.30
N THR A 206 31.14 5.85 26.57
CA THR A 206 30.71 5.64 25.18
C THR A 206 31.86 5.21 24.27
N GLU A 207 33.02 5.84 24.42
CA GLU A 207 34.15 5.49 23.59
C GLU A 207 34.49 4.00 23.68
N GLN A 208 34.66 3.52 24.91
CA GLN A 208 34.95 2.11 25.13
C GLN A 208 33.78 1.23 24.69
N LEU A 209 32.56 1.66 25.03
CA LEU A 209 31.37 0.85 24.79
C LEU A 209 31.07 0.59 23.32
N VAL A 210 31.16 1.62 22.48
CA VAL A 210 30.89 1.43 21.06
C VAL A 210 31.77 0.35 20.44
N GLN A 211 32.94 0.11 21.03
CA GLN A 211 33.91 -0.84 20.48
C GLN A 211 33.77 -2.23 21.09
N ASP A 212 32.95 -2.34 22.13
CA ASP A 212 32.82 -3.58 22.87
C ASP A 212 31.84 -4.55 22.21
N GLN A 213 32.15 -5.84 22.33
CA GLN A 213 31.36 -6.90 21.70
C GLN A 213 29.89 -6.88 22.12
N TYR A 214 29.61 -6.45 23.34
CA TYR A 214 28.23 -6.37 23.80
C TYR A 214 27.80 -4.94 24.03
N GLY A 215 28.75 -4.09 24.40
CA GLY A 215 28.48 -2.70 24.72
C GLY A 215 27.88 -1.92 23.56
N ASN A 216 28.34 -2.21 22.35
CA ASN A 216 27.79 -1.55 21.16
C ASN A 216 26.28 -1.66 21.07
N TYR A 217 25.73 -2.80 21.48
CA TYR A 217 24.29 -3.03 21.41
C TYR A 217 23.55 -2.08 22.34
N VAL A 218 24.12 -1.81 23.50
CA VAL A 218 23.49 -0.87 24.42
C VAL A 218 23.51 0.54 23.86
N ILE A 219 24.62 0.93 23.24
CA ILE A 219 24.69 2.24 22.60
C ILE A 219 23.68 2.34 21.46
N GLN A 220 23.58 1.31 20.63
CA GLN A 220 22.62 1.31 19.54
C GLN A 220 21.20 1.41 20.08
N HIS A 221 20.94 0.77 21.22
CA HIS A 221 19.62 0.79 21.83
C HIS A 221 19.18 2.21 22.15
N VAL A 222 20.09 2.98 22.73
CA VAL A 222 19.81 4.36 23.07
C VAL A 222 19.56 5.18 21.81
N LEU A 223 20.34 4.91 20.78
CA LEU A 223 20.17 5.60 19.50
C LEU A 223 18.81 5.33 18.87
N GLU A 224 18.27 4.14 19.10
CA GLU A 224 17.02 3.73 18.47
C GLU A 224 15.79 4.02 19.31
N HIS A 225 15.97 4.24 20.62
CA HIS A 225 14.80 4.40 21.48
C HIS A 225 14.91 5.53 22.47
N GLY A 226 16.12 6.04 22.66
CA GLY A 226 16.37 7.07 23.65
C GLY A 226 15.93 8.49 23.28
N ARG A 227 16.11 9.38 24.24
CA ARG A 227 15.80 10.77 24.06
C ARG A 227 16.85 11.46 23.18
N PRO A 228 16.40 12.39 22.34
CA PRO A 228 17.30 13.17 21.49
C PRO A 228 18.55 13.65 22.25
N GLU A 229 18.36 14.13 23.47
CA GLU A 229 19.48 14.62 24.26
C GLU A 229 20.56 13.55 24.38
N ASP A 230 20.13 12.31 24.61
CA ASP A 230 21.05 11.20 24.77
C ASP A 230 21.65 10.77 23.44
N LYS A 231 20.84 10.77 22.40
CA LYS A 231 21.32 10.42 21.07
C LYS A 231 22.44 11.33 20.63
N SER A 232 22.31 12.60 20.95
CA SER A 232 23.28 13.60 20.51
C SER A 232 24.60 13.49 21.26
N LYS A 233 24.51 13.19 22.55
CA LYS A 233 25.72 12.98 23.33
C LYS A 233 26.56 11.91 22.67
N ILE A 234 25.88 10.86 22.21
CA ILE A 234 26.55 9.74 21.54
C ILE A 234 27.14 10.20 20.21
N VAL A 235 26.28 10.77 19.37
CA VAL A 235 26.71 11.30 18.08
C VAL A 235 27.94 12.18 18.19
N ALA A 236 27.97 13.04 19.20
CA ALA A 236 29.12 13.92 19.41
C ALA A 236 30.37 13.11 19.69
N GLU A 237 30.20 11.86 20.14
CA GLU A 237 31.33 11.01 20.47
C GLU A 237 31.88 10.34 19.21
N ILE A 238 31.02 10.22 18.21
CA ILE A 238 31.42 9.67 16.92
C ILE A 238 32.04 10.75 16.05
N ARG A 239 31.51 11.97 16.12
CA ARG A 239 32.08 13.09 15.38
C ARG A 239 33.59 13.11 15.48
N GLY A 240 34.26 13.23 14.34
CA GLY A 240 35.71 13.27 14.30
C GLY A 240 36.35 11.90 14.26
N ASN A 241 35.56 10.85 14.48
CA ASN A 241 36.10 9.50 14.50
C ASN A 241 35.36 8.57 13.55
N VAL A 242 34.55 9.17 12.67
CA VAL A 242 33.72 8.41 11.75
C VAL A 242 34.54 7.40 10.96
N LEU A 243 35.63 7.87 10.36
CA LEU A 243 36.47 7.02 9.55
C LEU A 243 36.98 5.79 10.31
N VAL A 244 37.54 6.03 11.49
CA VAL A 244 38.15 4.97 12.27
C VAL A 244 37.09 3.98 12.80
N LEU A 245 36.05 4.51 13.41
CA LEU A 245 34.98 3.67 13.96
C LEU A 245 34.29 2.82 12.90
N SER A 246 34.20 3.35 11.68
CA SER A 246 33.59 2.62 10.58
C SER A 246 34.37 1.36 10.20
N GLN A 247 35.68 1.38 10.40
CA GLN A 247 36.51 0.23 10.06
C GLN A 247 36.54 -0.82 11.17
N HIS A 248 35.72 -0.60 12.19
CA HIS A 248 35.69 -1.47 13.35
C HIS A 248 34.49 -2.41 13.29
N LYS A 249 34.71 -3.67 13.65
CA LYS A 249 33.66 -4.68 13.50
C LYS A 249 32.45 -4.42 14.38
N PHE A 250 32.66 -3.81 15.55
CA PHE A 250 31.54 -3.48 16.43
C PHE A 250 31.12 -2.02 16.29
N ALA A 251 32.07 -1.10 16.43
CA ALA A 251 31.71 0.32 16.38
C ALA A 251 31.04 0.72 15.07
N SER A 252 31.40 0.08 13.98
CA SER A 252 30.83 0.43 12.67
C SER A 252 29.31 0.28 12.68
N ASN A 253 28.79 -0.64 13.47
CA ASN A 253 27.33 -0.79 13.59
C ASN A 253 26.70 0.41 14.29
N VAL A 254 27.41 0.95 15.27
CA VAL A 254 26.93 2.10 16.01
C VAL A 254 26.97 3.35 15.14
N VAL A 255 28.00 3.46 14.29
CA VAL A 255 28.14 4.56 13.32
C VAL A 255 26.90 4.63 12.42
N GLU A 256 26.49 3.48 11.91
CA GLU A 256 25.30 3.39 11.09
C GLU A 256 24.09 3.92 11.86
N LYS A 257 23.86 3.42 13.06
CA LYS A 257 22.71 3.86 13.84
C LYS A 257 22.78 5.35 14.11
N CYS A 258 23.98 5.90 14.05
CA CYS A 258 24.19 7.34 14.21
C CYS A 258 23.69 8.08 12.97
N VAL A 259 24.18 7.64 11.83
CA VAL A 259 23.79 8.21 10.54
C VAL A 259 22.28 8.16 10.39
N THR A 260 21.69 7.08 10.88
CA THR A 260 20.30 6.77 10.65
C THR A 260 19.38 7.51 11.62
N HIS A 261 19.78 7.60 12.87
CA HIS A 261 18.88 8.10 13.90
C HIS A 261 19.26 9.49 14.38
N ALA A 262 20.29 10.07 13.76
CA ALA A 262 20.73 11.42 14.15
C ALA A 262 19.81 12.51 13.57
N SER A 263 19.91 13.72 14.11
CA SER A 263 19.09 14.82 13.63
C SER A 263 19.53 15.18 12.23
N ARG A 264 18.68 15.90 11.50
CA ARG A 264 19.03 16.35 10.15
C ARG A 264 20.43 16.94 10.14
N THR A 265 20.68 17.86 11.06
CA THR A 265 21.98 18.51 11.12
C THR A 265 23.05 17.47 11.35
N GLU A 266 22.91 16.71 12.42
CA GLU A 266 23.94 15.77 12.84
C GLU A 266 24.27 14.77 11.74
N ARG A 267 23.24 14.33 11.01
CA ARG A 267 23.43 13.41 9.90
C ARG A 267 24.27 14.02 8.78
N ALA A 268 23.94 15.24 8.39
CA ALA A 268 24.68 15.95 7.36
C ALA A 268 26.12 16.11 7.77
N VAL A 269 26.32 16.42 9.04
CA VAL A 269 27.66 16.64 9.55
C VAL A 269 28.51 15.38 9.50
N LEU A 270 27.92 14.24 9.83
CA LEU A 270 28.66 12.97 9.80
C LEU A 270 29.01 12.58 8.37
N ILE A 271 28.05 12.72 7.46
CA ILE A 271 28.29 12.37 6.07
C ILE A 271 29.35 13.29 5.46
N ASP A 272 29.26 14.58 5.79
CA ASP A 272 30.22 15.57 5.33
C ASP A 272 31.62 15.28 5.84
N GLU A 273 31.69 14.80 7.08
CA GLU A 273 32.96 14.51 7.71
C GLU A 273 33.82 13.62 6.82
N VAL A 274 33.20 12.60 6.23
CA VAL A 274 33.93 11.65 5.39
C VAL A 274 33.93 12.04 3.92
N CYS A 275 33.18 13.10 3.59
CA CYS A 275 33.26 13.67 2.26
C CYS A 275 34.44 14.62 2.19
N THR A 276 34.64 15.36 3.26
CA THR A 276 35.61 16.44 3.33
C THR A 276 36.98 15.94 3.72
N MET A 277 37.12 15.60 4.99
CA MET A 277 38.41 15.19 5.54
C MET A 277 39.05 14.08 4.72
N ASN A 278 40.36 14.16 4.54
CA ASN A 278 41.08 13.19 3.71
C ASN A 278 41.68 12.06 4.53
N ASP A 279 41.84 10.91 3.88
CA ASP A 279 42.61 9.82 4.43
C ASP A 279 43.75 9.50 3.47
N GLY A 280 44.87 10.21 3.63
CA GLY A 280 45.97 10.11 2.70
C GLY A 280 45.67 10.80 1.37
N PRO A 281 45.96 10.10 0.24
CA PRO A 281 45.76 10.63 -1.11
C PRO A 281 44.31 10.99 -1.38
N HIS A 282 43.41 10.05 -1.11
CA HIS A 282 41.99 10.24 -1.36
C HIS A 282 41.23 10.36 -0.04
N SER A 283 39.99 10.83 -0.10
CA SER A 283 39.22 11.11 1.11
C SER A 283 38.94 9.88 1.98
N ALA A 284 38.41 10.15 3.16
CA ALA A 284 37.96 9.13 4.09
C ALA A 284 36.93 8.23 3.42
N LEU A 285 36.04 8.84 2.65
CA LEU A 285 34.97 8.11 1.97
C LEU A 285 35.51 6.96 1.13
N TYR A 286 36.60 7.22 0.41
CA TYR A 286 37.18 6.23 -0.49
C TYR A 286 37.74 5.04 0.28
N THR A 287 38.43 5.33 1.38
CA THR A 287 39.00 4.29 2.23
C THR A 287 37.90 3.43 2.83
N MET A 288 36.82 4.10 3.22
CA MET A 288 35.68 3.41 3.78
C MET A 288 35.05 2.48 2.76
N MET A 289 35.08 2.87 1.49
CA MET A 289 34.44 2.08 0.44
C MET A 289 35.12 0.73 0.28
N LYS A 290 36.43 0.69 0.51
CA LYS A 290 37.21 -0.51 0.27
C LYS A 290 37.22 -1.44 1.48
N ASP A 291 36.70 -0.97 2.60
CA ASP A 291 36.82 -1.67 3.87
C ASP A 291 35.66 -2.64 4.18
N GLN A 292 36.01 -3.79 4.74
CA GLN A 292 35.07 -4.87 5.04
C GLN A 292 33.86 -4.41 5.84
N TYR A 293 34.05 -3.45 6.73
CA TYR A 293 32.93 -2.94 7.54
C TYR A 293 32.47 -1.58 7.07
N ALA A 294 33.44 -0.71 6.75
CA ALA A 294 33.15 0.67 6.41
C ALA A 294 32.23 0.80 5.20
N ASN A 295 32.34 -0.13 4.25
CA ASN A 295 31.52 -0.07 3.06
C ASN A 295 30.04 -0.12 3.40
N TYR A 296 29.71 -0.61 4.59
CA TYR A 296 28.32 -0.67 5.04
C TYR A 296 27.86 0.70 5.50
N VAL A 297 28.80 1.46 6.05
CA VAL A 297 28.51 2.82 6.49
C VAL A 297 28.28 3.71 5.28
N VAL A 298 29.17 3.61 4.29
CA VAL A 298 29.00 4.33 3.05
C VAL A 298 27.59 4.11 2.51
N GLN A 299 27.21 2.85 2.33
CA GLN A 299 25.91 2.53 1.73
C GLN A 299 24.75 3.12 2.53
N LYS A 300 24.84 3.06 3.85
CA LYS A 300 23.78 3.58 4.71
C LYS A 300 23.72 5.11 4.63
N MET A 301 24.87 5.73 4.36
CA MET A 301 24.94 7.17 4.20
C MET A 301 24.27 7.58 2.89
N ILE A 302 24.55 6.82 1.85
CA ILE A 302 23.84 6.98 0.59
C ILE A 302 22.33 6.86 0.83
N ASP A 303 21.95 5.93 1.69
CA ASP A 303 20.54 5.69 1.98
C ASP A 303 19.81 6.87 2.59
N VAL A 304 20.38 7.47 3.63
CA VAL A 304 19.62 8.47 4.40
C VAL A 304 19.98 9.90 4.05
N ALA A 305 20.97 10.09 3.19
CA ALA A 305 21.35 11.46 2.82
C ALA A 305 20.16 12.17 2.16
N GLU A 306 20.02 13.45 2.48
CA GLU A 306 19.07 14.31 1.79
C GLU A 306 19.44 14.30 0.32
N PRO A 307 18.43 14.37 -0.56
CA PRO A 307 18.72 14.32 -2.01
C PRO A 307 19.90 15.22 -2.42
N GLY A 308 19.99 16.41 -1.83
CA GLY A 308 21.07 17.33 -2.13
C GLY A 308 22.42 16.80 -1.70
N GLN A 309 22.50 16.28 -0.48
CA GLN A 309 23.77 15.73 0.00
C GLN A 309 24.11 14.39 -0.62
N ARG A 310 23.08 13.64 -1.05
CA ARG A 310 23.35 12.39 -1.76
C ARG A 310 24.14 12.70 -3.04
N LYS A 311 23.76 13.79 -3.71
CA LYS A 311 24.48 14.27 -4.89
C LYS A 311 25.98 14.39 -4.61
N ILE A 312 26.31 14.93 -3.45
CA ILE A 312 27.71 15.18 -3.10
C ILE A 312 28.47 13.87 -2.86
N VAL A 313 27.84 12.91 -2.21
CA VAL A 313 28.44 11.59 -2.03
C VAL A 313 28.68 10.93 -3.37
N MET A 314 27.69 11.03 -4.26
CA MET A 314 27.75 10.42 -5.58
C MET A 314 28.91 10.97 -6.39
N HIS A 315 29.10 12.28 -6.30
CA HIS A 315 30.16 12.96 -7.03
C HIS A 315 31.54 12.56 -6.50
N LYS A 316 31.63 12.31 -5.20
CA LYS A 316 32.88 11.86 -4.58
C LYS A 316 33.21 10.42 -4.94
N ILE A 317 32.16 9.61 -5.11
CA ILE A 317 32.30 8.21 -5.46
C ILE A 317 32.63 8.03 -6.94
N ARG A 318 32.01 8.85 -7.78
CA ARG A 318 32.04 8.67 -9.23
C ARG A 318 33.42 8.49 -9.88
N PRO A 319 34.41 9.28 -9.47
CA PRO A 319 35.74 9.09 -10.08
C PRO A 319 36.32 7.68 -9.86
N HIS A 320 35.93 7.01 -8.80
CA HIS A 320 36.53 5.70 -8.48
C HIS A 320 35.73 4.52 -9.03
N ILE A 321 34.59 4.79 -9.66
CA ILE A 321 33.67 3.73 -10.06
C ILE A 321 34.36 2.57 -10.76
N ALA A 322 35.32 2.88 -11.61
CA ALA A 322 35.99 1.84 -12.40
C ALA A 322 36.99 1.02 -11.57
N THR A 323 37.56 1.64 -10.55
CA THR A 323 38.55 0.97 -9.73
C THR A 323 37.92 0.23 -8.56
N LEU A 324 36.70 0.61 -8.19
CA LEU A 324 35.99 -0.08 -7.13
C LEU A 324 35.84 -1.56 -7.49
N ARG A 325 35.66 -1.82 -8.77
CA ARG A 325 35.48 -3.19 -9.26
C ARG A 325 36.58 -4.13 -8.76
N LYS A 326 37.79 -3.61 -8.62
CA LYS A 326 38.96 -4.42 -8.31
C LYS A 326 39.10 -4.69 -6.81
N TYR A 327 38.11 -4.26 -6.03
CA TYR A 327 38.18 -4.43 -4.58
C TYR A 327 36.99 -5.22 -4.07
N THR A 328 37.27 -6.16 -3.16
CA THR A 328 36.27 -7.08 -2.65
C THR A 328 35.04 -6.38 -2.10
N TYR A 329 35.24 -5.29 -1.36
CA TYR A 329 34.14 -4.61 -0.70
C TYR A 329 33.64 -3.40 -1.49
N GLY A 330 34.54 -2.78 -2.25
CA GLY A 330 34.13 -1.75 -3.19
C GLY A 330 33.06 -2.26 -4.16
N LYS A 331 33.26 -3.46 -4.68
CA LYS A 331 32.27 -4.08 -5.56
C LYS A 331 30.87 -3.83 -5.01
N HIS A 332 30.68 -4.09 -3.73
CA HIS A 332 29.37 -3.97 -3.11
C HIS A 332 28.84 -2.55 -3.16
N ILE A 333 29.72 -1.56 -3.24
CA ILE A 333 29.28 -0.19 -3.38
C ILE A 333 28.68 0.02 -4.77
N LEU A 334 29.32 -0.56 -5.78
CA LEU A 334 28.81 -0.48 -7.14
C LEU A 334 27.37 -0.96 -7.19
N ALA A 335 27.08 -2.01 -6.44
CA ALA A 335 25.73 -2.54 -6.30
C ALA A 335 24.75 -1.47 -5.84
N LYS A 336 25.00 -0.92 -4.66
CA LYS A 336 24.14 0.13 -4.11
C LYS A 336 24.00 1.30 -5.08
N LEU A 337 24.99 1.45 -5.95
CA LEU A 337 24.99 2.53 -6.93
C LEU A 337 23.85 2.37 -7.92
N GLU A 338 23.82 1.22 -8.61
CA GLU A 338 22.77 0.94 -9.59
C GLU A 338 21.42 1.48 -9.12
N LYS A 339 21.06 1.16 -7.88
CA LYS A 339 19.80 1.61 -7.31
C LYS A 339 19.57 3.09 -7.60
N TYR A 340 20.65 3.85 -7.65
CA TYR A 340 20.57 5.28 -7.92
C TYR A 340 21.34 5.71 -9.19
N TYR A 341 21.05 5.06 -10.32
CA TYR A 341 21.54 5.50 -11.63
C TYR A 341 20.57 5.11 -12.73
N GLY B 1 -1.57 -30.26 -17.44
CA GLY B 1 -2.60 -29.26 -17.68
C GLY B 1 -3.69 -29.28 -16.63
N ARG B 2 -4.93 -29.13 -17.07
CA ARG B 2 -6.09 -29.04 -16.17
C ARG B 2 -6.21 -30.14 -15.12
N SER B 3 -6.43 -29.75 -13.88
CA SER B 3 -6.73 -30.68 -12.82
C SER B 3 -8.03 -31.40 -13.16
N ARG B 4 -8.26 -32.54 -12.49
CA ARG B 4 -9.54 -33.19 -12.58
C ARG B 4 -10.59 -32.20 -12.12
N LEU B 5 -10.28 -31.50 -11.04
CA LEU B 5 -11.20 -30.54 -10.42
C LEU B 5 -11.73 -29.51 -11.40
N LEU B 6 -10.83 -28.81 -12.10
CA LEU B 6 -11.27 -27.87 -13.10
C LEU B 6 -12.11 -28.59 -14.17
N GLU B 7 -11.53 -29.64 -14.74
CA GLU B 7 -12.18 -30.41 -15.80
C GLU B 7 -13.57 -30.85 -15.39
N ASP B 8 -13.68 -31.33 -14.16
CA ASP B 8 -14.97 -31.73 -13.63
C ASP B 8 -15.89 -30.52 -13.65
N PHE B 9 -15.52 -29.49 -12.88
CA PHE B 9 -16.27 -28.24 -12.85
C PHE B 9 -16.73 -27.78 -14.25
N ARG B 10 -15.86 -27.85 -15.26
CA ARG B 10 -16.20 -27.38 -16.60
C ARG B 10 -17.28 -28.24 -17.26
N ASN B 11 -17.22 -29.55 -16.97
CA ASN B 11 -18.25 -30.50 -17.39
C ASN B 11 -19.37 -30.61 -16.35
N ASN B 12 -19.70 -29.49 -15.70
CA ASN B 12 -20.84 -29.42 -14.79
C ASN B 12 -20.87 -30.64 -13.89
N ARG B 13 -19.88 -30.74 -13.02
CA ARG B 13 -19.72 -31.90 -12.16
C ARG B 13 -20.06 -31.50 -10.74
N TYR B 14 -19.86 -30.21 -10.48
CA TYR B 14 -20.07 -29.66 -9.18
C TYR B 14 -21.21 -28.70 -9.21
N PRO B 15 -22.28 -29.14 -8.58
CA PRO B 15 -23.51 -28.40 -8.42
C PRO B 15 -23.41 -27.23 -7.47
N ASN B 16 -22.90 -27.41 -6.27
CA ASN B 16 -22.73 -26.27 -5.38
C ASN B 16 -21.29 -26.11 -4.97
N LEU B 17 -20.43 -25.78 -5.90
CA LEU B 17 -19.01 -25.60 -5.60
C LEU B 17 -18.75 -24.40 -4.68
N GLN B 18 -18.03 -24.63 -3.60
CA GLN B 18 -17.67 -23.55 -2.67
C GLN B 18 -16.28 -22.98 -2.95
N LEU B 19 -16.18 -21.65 -2.91
CA LEU B 19 -14.94 -20.95 -3.17
C LEU B 19 -13.73 -21.61 -2.50
N ARG B 20 -13.94 -22.15 -1.32
CA ARG B 20 -12.85 -22.75 -0.55
C ARG B 20 -12.42 -24.08 -1.14
N GLU B 21 -13.33 -24.75 -1.83
CA GLU B 21 -13.00 -26.05 -2.42
C GLU B 21 -11.92 -25.91 -3.49
N ILE B 22 -11.73 -24.70 -4.02
CA ILE B 22 -10.75 -24.53 -5.07
C ILE B 22 -9.43 -23.99 -4.54
N ALA B 23 -9.20 -24.16 -3.25
CA ALA B 23 -7.91 -23.85 -2.65
C ALA B 23 -6.82 -24.61 -3.38
N GLY B 24 -5.73 -23.93 -3.72
CA GLY B 24 -4.65 -24.53 -4.49
C GLY B 24 -4.83 -24.44 -6.00
N HIS B 25 -6.02 -24.06 -6.45
CA HIS B 25 -6.39 -24.05 -7.88
C HIS B 25 -6.83 -22.68 -8.41
N ILE B 26 -6.63 -21.63 -7.62
CA ILE B 26 -7.10 -20.28 -7.98
C ILE B 26 -6.55 -19.79 -9.31
N MET B 27 -5.23 -19.83 -9.46
CA MET B 27 -4.60 -19.33 -10.67
C MET B 27 -5.17 -20.00 -11.91
N GLU B 28 -5.21 -21.33 -11.87
CA GLU B 28 -5.76 -22.14 -12.93
C GLU B 28 -7.19 -21.71 -13.24
N PHE B 29 -8.03 -21.74 -12.23
CA PHE B 29 -9.44 -21.36 -12.35
C PHE B 29 -9.62 -19.96 -12.91
N SER B 30 -8.68 -19.07 -12.59
CA SER B 30 -8.78 -17.67 -12.98
C SER B 30 -8.46 -17.43 -14.46
N GLN B 31 -7.80 -18.40 -15.09
CA GLN B 31 -7.45 -18.27 -16.50
C GLN B 31 -8.34 -19.16 -17.37
N ASP B 32 -9.43 -19.64 -16.78
CA ASP B 32 -10.43 -20.46 -17.44
C ASP B 32 -11.73 -19.67 -17.51
N GLN B 33 -12.38 -19.63 -18.66
CA GLN B 33 -13.55 -18.76 -18.82
C GLN B 33 -14.58 -19.01 -17.75
N HIS B 34 -14.76 -20.28 -17.40
CA HIS B 34 -15.81 -20.65 -16.47
C HIS B 34 -15.30 -20.72 -15.03
N GLY B 35 -14.01 -20.91 -14.87
CA GLY B 35 -13.41 -20.83 -13.56
C GLY B 35 -13.39 -19.37 -13.14
N SER B 36 -13.03 -18.50 -14.09
CA SER B 36 -12.96 -17.08 -13.81
C SER B 36 -14.34 -16.54 -13.47
N ARG B 37 -15.32 -16.88 -14.30
CA ARG B 37 -16.71 -16.50 -14.08
C ARG B 37 -17.15 -16.88 -12.67
N PHE B 38 -16.77 -18.08 -12.25
CA PHE B 38 -17.12 -18.62 -10.94
C PHE B 38 -16.48 -17.83 -9.79
N ILE B 39 -15.24 -17.39 -10.00
CA ILE B 39 -14.55 -16.67 -8.96
C ILE B 39 -15.14 -15.26 -8.78
N GLN B 40 -15.53 -14.65 -9.90
CA GLN B 40 -16.09 -13.30 -9.86
C GLN B 40 -17.41 -13.30 -9.12
N LEU B 41 -18.26 -14.27 -9.43
CA LEU B 41 -19.55 -14.38 -8.76
C LEU B 41 -19.37 -14.47 -7.26
N LYS B 42 -18.27 -15.07 -6.84
CA LYS B 42 -18.05 -15.35 -5.42
C LYS B 42 -17.37 -14.19 -4.68
N LEU B 43 -16.52 -13.44 -5.38
CA LEU B 43 -15.80 -12.31 -4.77
C LEU B 43 -16.69 -11.12 -4.49
N GLU B 44 -17.90 -11.16 -5.04
CA GLU B 44 -18.91 -10.15 -4.77
C GLU B 44 -19.37 -10.28 -3.33
N ARG B 45 -20.00 -11.40 -3.01
CA ARG B 45 -20.60 -11.62 -1.70
C ARG B 45 -19.77 -12.51 -0.76
N ALA B 46 -18.46 -12.56 -0.97
CA ALA B 46 -17.57 -13.42 -0.20
C ALA B 46 -17.16 -12.77 1.11
N THR B 47 -17.00 -13.59 2.16
CA THR B 47 -16.48 -13.09 3.43
C THR B 47 -15.03 -12.65 3.26
N PRO B 48 -14.58 -11.70 4.07
CA PRO B 48 -13.20 -11.17 3.98
C PRO B 48 -12.20 -12.30 4.02
N ALA B 49 -12.39 -13.22 4.96
CA ALA B 49 -11.56 -14.41 5.05
C ALA B 49 -11.50 -15.15 3.72
N GLU B 50 -12.66 -15.31 3.09
CA GLU B 50 -12.73 -15.99 1.80
C GLU B 50 -11.99 -15.24 0.71
N ARG B 51 -12.12 -13.91 0.68
CA ARG B 51 -11.45 -13.11 -0.33
C ARG B 51 -9.94 -13.24 -0.18
N GLN B 52 -9.49 -13.24 1.06
CA GLN B 52 -8.06 -13.23 1.37
C GLN B 52 -7.40 -14.48 0.83
N LEU B 53 -8.07 -15.61 1.01
CA LEU B 53 -7.60 -16.88 0.53
C LEU B 53 -7.45 -16.85 -0.97
N VAL B 54 -8.39 -16.21 -1.65
CA VAL B 54 -8.30 -16.06 -3.09
C VAL B 54 -7.12 -15.16 -3.38
N PHE B 55 -7.05 -14.03 -2.69
CA PHE B 55 -5.99 -13.06 -2.89
C PHE B 55 -4.59 -13.66 -2.75
N ASN B 56 -4.40 -14.50 -1.74
CA ASN B 56 -3.11 -15.11 -1.47
C ASN B 56 -2.50 -15.82 -2.67
N GLU B 57 -3.36 -16.41 -3.50
CA GLU B 57 -2.90 -17.23 -4.61
C GLU B 57 -2.74 -16.44 -5.90
N ILE B 58 -3.31 -15.23 -5.96
CA ILE B 58 -3.17 -14.41 -7.16
C ILE B 58 -2.18 -13.26 -7.01
N LEU B 59 -1.72 -13.00 -5.79
CA LEU B 59 -0.86 -11.84 -5.55
C LEU B 59 0.44 -11.88 -6.33
N GLN B 60 1.19 -12.97 -6.19
CA GLN B 60 2.49 -13.09 -6.82
C GLN B 60 2.38 -12.96 -8.33
N ALA B 61 1.50 -13.75 -8.93
CA ALA B 61 1.33 -13.74 -10.38
C ALA B 61 0.15 -12.89 -10.82
N ALA B 62 -0.08 -11.79 -10.10
CA ALA B 62 -1.19 -10.89 -10.37
C ALA B 62 -1.16 -10.30 -11.78
N TYR B 63 0.00 -9.80 -12.20
CA TYR B 63 0.16 -9.17 -13.51
C TYR B 63 -0.23 -10.13 -14.63
N GLN B 64 0.26 -11.36 -14.53
CA GLN B 64 -0.10 -12.41 -15.46
C GLN B 64 -1.62 -12.52 -15.61
N LEU B 65 -2.35 -12.16 -14.57
CA LEU B 65 -3.80 -12.22 -14.61
C LEU B 65 -4.39 -10.96 -15.23
N MET B 66 -3.67 -9.85 -15.12
CA MET B 66 -4.17 -8.57 -15.63
C MET B 66 -4.15 -8.59 -17.15
N VAL B 67 -3.18 -9.29 -17.71
CA VAL B 67 -3.04 -9.43 -19.14
C VAL B 67 -3.63 -10.75 -19.60
N ASP B 68 -4.65 -11.22 -18.89
CA ASP B 68 -5.31 -12.47 -19.29
C ASP B 68 -6.77 -12.27 -19.69
N VAL B 69 -7.25 -13.12 -20.59
CA VAL B 69 -8.58 -13.00 -21.13
C VAL B 69 -9.68 -13.23 -20.09
N PHE B 70 -9.47 -14.19 -19.19
CA PHE B 70 -10.41 -14.40 -18.09
C PHE B 70 -9.85 -13.93 -16.75
N GLY B 71 -8.54 -13.80 -16.67
CA GLY B 71 -7.88 -13.40 -15.43
C GLY B 71 -8.17 -11.98 -15.00
N ASN B 72 -8.12 -11.04 -15.94
CA ASN B 72 -8.27 -9.63 -15.62
C ASN B 72 -9.58 -9.35 -14.88
N TYR B 73 -10.58 -10.16 -15.15
CA TYR B 73 -11.89 -10.04 -14.50
C TYR B 73 -11.80 -10.30 -13.00
N VAL B 74 -10.90 -11.19 -12.61
CA VAL B 74 -10.70 -11.48 -11.20
C VAL B 74 -9.94 -10.34 -10.53
N ILE B 75 -8.86 -9.89 -11.15
CA ILE B 75 -8.11 -8.77 -10.62
C ILE B 75 -9.01 -7.55 -10.43
N GLN B 76 -9.80 -7.23 -11.44
CA GLN B 76 -10.72 -6.10 -11.39
C GLN B 76 -11.68 -6.20 -10.21
N LYS B 77 -12.13 -7.42 -9.91
CA LYS B 77 -13.08 -7.65 -8.84
C LYS B 77 -12.51 -7.30 -7.48
N PHE B 78 -11.18 -7.23 -7.40
CA PHE B 78 -10.55 -6.92 -6.12
C PHE B 78 -10.50 -5.43 -5.93
N PHE B 79 -10.39 -4.70 -7.04
CA PHE B 79 -10.37 -3.26 -6.98
C PHE B 79 -11.74 -2.74 -6.55
N GLU B 80 -12.79 -3.42 -7.00
CA GLU B 80 -14.14 -3.04 -6.65
C GLU B 80 -14.56 -3.56 -5.27
N PHE B 81 -14.17 -4.78 -4.94
CA PHE B 81 -14.70 -5.44 -3.75
C PHE B 81 -13.64 -5.76 -2.71
N GLY B 82 -12.40 -5.38 -2.98
CA GLY B 82 -11.29 -5.70 -2.10
C GLY B 82 -11.03 -4.66 -1.03
N SER B 83 -10.26 -5.07 -0.02
CA SER B 83 -9.84 -4.17 1.03
C SER B 83 -8.79 -3.19 0.52
N LEU B 84 -8.72 -2.01 1.13
CA LEU B 84 -7.73 -1.01 0.76
C LEU B 84 -6.33 -1.62 0.73
N GLU B 85 -6.11 -2.59 1.60
CA GLU B 85 -4.82 -3.27 1.67
C GLU B 85 -4.56 -4.02 0.37
N GLN B 86 -5.53 -4.85 -0.02
CA GLN B 86 -5.42 -5.61 -1.26
C GLN B 86 -5.13 -4.72 -2.47
N LYS B 87 -5.98 -3.71 -2.66
CA LYS B 87 -5.82 -2.80 -3.80
C LYS B 87 -4.44 -2.18 -3.83
N LEU B 88 -3.89 -1.88 -2.65
CA LEU B 88 -2.56 -1.30 -2.54
C LEU B 88 -1.53 -2.32 -2.97
N ALA B 89 -1.68 -3.54 -2.48
CA ALA B 89 -0.81 -4.64 -2.88
C ALA B 89 -0.79 -4.75 -4.41
N LEU B 90 -1.97 -4.78 -5.02
CA LEU B 90 -2.08 -4.85 -6.48
C LEU B 90 -1.53 -3.59 -7.15
N ALA B 91 -1.72 -2.46 -6.52
CA ALA B 91 -1.18 -1.21 -7.06
C ALA B 91 0.34 -1.31 -7.14
N GLU B 92 0.91 -2.19 -6.32
CA GLU B 92 2.35 -2.38 -6.29
C GLU B 92 2.80 -3.30 -7.42
N ARG B 93 1.97 -4.29 -7.73
CA ARG B 93 2.20 -5.18 -8.86
C ARG B 93 2.12 -4.40 -10.17
N ILE B 94 1.30 -3.36 -10.17
CA ILE B 94 1.06 -2.57 -11.37
C ILE B 94 2.18 -1.57 -11.64
N ARG B 95 2.79 -1.09 -10.56
CA ARG B 95 3.83 -0.08 -10.66
C ARG B 95 5.00 -0.51 -11.55
N GLY B 96 5.22 0.23 -12.64
CA GLY B 96 6.30 -0.08 -13.56
C GLY B 96 5.80 -0.74 -14.83
N HIS B 97 4.52 -1.08 -14.85
CA HIS B 97 3.92 -1.73 -16.01
C HIS B 97 2.74 -0.92 -16.56
N VAL B 98 2.42 0.20 -15.91
CA VAL B 98 1.23 0.99 -16.27
C VAL B 98 1.10 1.21 -17.77
N LEU B 99 2.19 1.63 -18.40
CA LEU B 99 2.18 1.83 -19.83
C LEU B 99 1.79 0.54 -20.52
N SER B 100 2.65 -0.47 -20.45
CA SER B 100 2.44 -1.70 -21.20
C SER B 100 1.06 -2.31 -20.95
N LEU B 101 0.57 -2.17 -19.72
CA LEU B 101 -0.78 -2.62 -19.36
C LEU B 101 -1.85 -1.81 -20.08
N ALA B 102 -1.68 -0.49 -20.03
CA ALA B 102 -2.61 0.42 -20.69
C ALA B 102 -2.80 -0.01 -22.14
N LEU B 103 -1.73 -0.55 -22.74
CA LEU B 103 -1.72 -0.91 -24.15
C LEU B 103 -2.16 -2.34 -24.41
N GLN B 104 -2.26 -3.15 -23.36
CA GLN B 104 -2.71 -4.52 -23.51
C GLN B 104 -4.24 -4.54 -23.49
N MET B 105 -4.84 -5.38 -24.31
CA MET B 105 -6.29 -5.36 -24.48
C MET B 105 -7.05 -5.72 -23.20
N TYR B 106 -6.45 -6.54 -22.36
CA TYR B 106 -7.07 -6.92 -21.10
C TYR B 106 -6.46 -6.11 -19.98
N GLY B 107 -5.17 -5.80 -20.12
CA GLY B 107 -4.48 -4.97 -19.17
C GLY B 107 -5.25 -3.68 -18.92
N CYS B 108 -5.50 -2.92 -19.99
CA CYS B 108 -6.16 -1.63 -19.86
C CYS B 108 -7.46 -1.68 -19.08
N ARG B 109 -8.14 -2.83 -19.12
CA ARG B 109 -9.38 -3.00 -18.36
C ARG B 109 -9.13 -3.03 -16.85
N VAL B 110 -7.91 -3.37 -16.46
CA VAL B 110 -7.53 -3.41 -15.05
C VAL B 110 -7.04 -2.02 -14.61
N ILE B 111 -6.17 -1.42 -15.42
CA ILE B 111 -5.75 -0.06 -15.14
C ILE B 111 -6.96 0.80 -14.88
N GLN B 112 -7.93 0.73 -15.80
CA GLN B 112 -9.14 1.54 -15.71
C GLN B 112 -9.91 1.29 -14.41
N LYS B 113 -9.97 0.04 -13.99
CA LYS B 113 -10.69 -0.27 -12.77
C LYS B 113 -9.91 0.25 -11.56
N ALA B 114 -8.58 0.13 -11.62
CA ALA B 114 -7.74 0.63 -10.54
C ALA B 114 -8.00 2.11 -10.31
N LEU B 115 -7.79 2.91 -11.36
CA LEU B 115 -8.02 4.36 -11.31
C LEU B 115 -9.32 4.75 -10.64
N GLU B 116 -10.39 3.99 -10.92
CA GLU B 116 -11.69 4.28 -10.35
C GLU B 116 -11.82 4.02 -8.84
N PHE B 117 -10.99 3.13 -8.29
CA PHE B 117 -11.20 2.64 -6.93
C PHE B 117 -10.02 2.74 -5.96
N ILE B 118 -8.94 3.41 -6.37
CA ILE B 118 -7.80 3.60 -5.48
C ILE B 118 -7.66 5.06 -5.06
N PRO B 119 -7.02 5.30 -3.89
CA PRO B 119 -6.84 6.66 -3.39
C PRO B 119 -6.18 7.58 -4.41
N SER B 120 -6.32 8.88 -4.20
CA SER B 120 -5.80 9.88 -5.12
C SER B 120 -4.29 9.80 -5.31
N ASP B 121 -3.55 9.67 -4.21
CA ASP B 121 -2.10 9.57 -4.30
C ASP B 121 -1.71 8.39 -5.17
N GLN B 122 -2.39 7.26 -4.97
CA GLN B 122 -2.08 6.07 -5.74
C GLN B 122 -2.41 6.26 -7.22
N GLN B 123 -3.52 6.94 -7.50
CA GLN B 123 -3.88 7.31 -8.88
C GLN B 123 -2.77 8.11 -9.56
N ASN B 124 -2.12 8.97 -8.80
CA ASN B 124 -1.08 9.84 -9.34
C ASN B 124 0.21 9.07 -9.63
N GLU B 125 0.57 8.14 -8.75
CA GLU B 125 1.70 7.26 -9.00
C GLU B 125 1.52 6.65 -10.38
N MET B 126 0.31 6.17 -10.63
CA MET B 126 -0.03 5.44 -11.83
C MET B 126 0.01 6.32 -13.10
N VAL B 127 -0.65 7.47 -13.02
CA VAL B 127 -0.74 8.39 -14.16
C VAL B 127 0.64 8.90 -14.59
N ARG B 128 1.46 9.23 -13.61
CA ARG B 128 2.79 9.75 -13.87
C ARG B 128 3.57 8.89 -14.86
N GLU B 129 3.30 7.57 -14.86
CA GLU B 129 4.01 6.65 -15.73
C GLU B 129 3.68 6.87 -17.20
N LEU B 130 2.50 7.42 -17.47
CA LEU B 130 2.06 7.65 -18.83
C LEU B 130 2.67 8.90 -19.43
N ASP B 131 3.22 9.76 -18.57
CA ASP B 131 3.90 10.95 -19.05
C ASP B 131 4.96 10.56 -20.08
N GLY B 132 4.96 11.24 -21.22
CA GLY B 132 5.94 10.98 -22.25
C GLY B 132 5.43 10.06 -23.36
N HIS B 133 4.26 9.47 -23.14
CA HIS B 133 3.68 8.56 -24.12
C HIS B 133 2.20 8.84 -24.32
N VAL B 134 1.78 10.07 -24.00
CA VAL B 134 0.37 10.46 -24.08
C VAL B 134 -0.24 10.05 -25.41
N LEU B 135 0.29 10.64 -26.48
CA LEU B 135 -0.25 10.44 -27.82
C LEU B 135 -0.32 8.95 -28.17
N LYS B 136 0.78 8.23 -27.95
CA LYS B 136 0.81 6.80 -28.22
C LYS B 136 -0.47 6.12 -27.72
N CYS B 137 -0.88 6.42 -26.49
CA CYS B 137 -2.05 5.80 -25.90
C CYS B 137 -3.32 6.33 -26.56
N VAL B 138 -3.43 7.66 -26.64
CA VAL B 138 -4.57 8.31 -27.27
C VAL B 138 -4.91 7.63 -28.60
N LYS B 139 -3.88 7.38 -29.41
CA LYS B 139 -4.08 6.75 -30.72
C LYS B 139 -4.30 5.23 -30.63
N ASP B 140 -3.81 4.61 -29.56
CA ASP B 140 -3.97 3.17 -29.37
C ASP B 140 -5.39 2.83 -28.97
N GLN B 141 -5.86 1.65 -29.38
CA GLN B 141 -7.26 1.28 -29.23
C GLN B 141 -7.61 0.78 -27.83
N ASN B 142 -6.59 0.62 -27.02
CA ASN B 142 -6.76 0.27 -25.61
C ASN B 142 -6.34 1.45 -24.77
N GLY B 143 -5.25 2.09 -25.20
CA GLY B 143 -4.67 3.22 -24.50
C GLY B 143 -5.62 4.38 -24.34
N ASN B 144 -6.40 4.68 -25.37
CA ASN B 144 -7.29 5.83 -25.32
C ASN B 144 -8.32 5.73 -24.20
N HIS B 145 -8.80 4.51 -23.94
CA HIS B 145 -9.77 4.32 -22.87
C HIS B 145 -9.17 4.56 -21.50
N VAL B 146 -7.88 4.25 -21.37
CA VAL B 146 -7.17 4.48 -20.13
C VAL B 146 -7.00 5.97 -19.92
N VAL B 147 -6.64 6.68 -20.99
CA VAL B 147 -6.46 8.12 -20.95
C VAL B 147 -7.77 8.81 -20.62
N GLN B 148 -8.86 8.33 -21.22
CA GLN B 148 -10.17 8.88 -20.93
C GLN B 148 -10.48 8.73 -19.46
N LYS B 149 -10.25 7.53 -18.92
CA LYS B 149 -10.52 7.27 -17.52
C LYS B 149 -9.76 8.19 -16.58
N CYS B 150 -8.49 8.45 -16.89
CA CYS B 150 -7.70 9.39 -16.10
C CYS B 150 -8.41 10.72 -16.04
N ILE B 151 -8.63 11.29 -17.23
CA ILE B 151 -9.24 12.60 -17.36
C ILE B 151 -10.42 12.78 -16.42
N GLU B 152 -11.23 11.74 -16.29
CA GLU B 152 -12.45 11.80 -15.51
C GLU B 152 -12.34 11.19 -14.11
N CYS B 153 -11.18 10.65 -13.76
CA CYS B 153 -10.97 10.05 -12.43
C CYS B 153 -9.86 10.68 -11.60
N VAL B 154 -8.79 11.13 -12.26
CA VAL B 154 -7.69 11.79 -11.56
C VAL B 154 -7.99 13.25 -11.22
N GLN B 155 -7.28 13.79 -10.24
CA GLN B 155 -7.33 15.22 -9.94
C GLN B 155 -6.79 16.00 -11.14
N PRO B 156 -7.64 16.86 -11.73
CA PRO B 156 -7.34 17.55 -12.99
C PRO B 156 -5.90 18.05 -13.04
N GLN B 157 -5.46 18.71 -11.97
CA GLN B 157 -4.12 19.25 -11.91
C GLN B 157 -3.04 18.24 -12.29
N SER B 158 -3.32 16.96 -12.04
CA SER B 158 -2.34 15.91 -12.29
C SER B 158 -2.17 15.59 -13.77
N LEU B 159 -3.08 16.10 -14.60
CA LEU B 159 -3.14 15.74 -16.01
C LEU B 159 -2.50 16.79 -16.91
N GLN B 160 -1.84 17.76 -16.31
CA GLN B 160 -1.28 18.88 -17.05
C GLN B 160 -0.31 18.44 -18.14
N PHE B 161 0.22 17.22 -18.00
CA PHE B 161 1.17 16.71 -18.99
C PHE B 161 0.43 16.29 -20.25
N ILE B 162 -0.86 16.08 -20.11
CA ILE B 162 -1.70 15.69 -21.24
C ILE B 162 -2.02 16.92 -22.08
N ILE B 163 -2.46 18.00 -21.44
CA ILE B 163 -2.62 19.29 -22.10
C ILE B 163 -1.37 19.65 -22.91
N ASP B 164 -0.22 19.69 -22.23
CA ASP B 164 1.03 20.07 -22.86
C ASP B 164 1.35 19.18 -24.07
N ALA B 165 0.99 17.90 -23.96
CA ALA B 165 1.26 16.95 -25.05
C ALA B 165 0.31 17.14 -26.22
N PHE B 166 -0.71 17.97 -26.02
CA PHE B 166 -1.75 18.16 -27.03
C PHE B 166 -1.56 19.38 -27.92
N LYS B 167 -0.66 20.30 -27.53
CA LYS B 167 -0.37 21.49 -28.33
C LYS B 167 -0.06 21.14 -29.79
N GLY B 168 -0.70 21.85 -30.72
CA GLY B 168 -0.51 21.63 -32.13
C GLY B 168 -1.16 20.34 -32.63
N GLN B 169 -1.77 19.58 -31.73
CA GLN B 169 -2.32 18.29 -32.10
C GLN B 169 -3.84 18.24 -31.97
N VAL B 170 -4.44 19.33 -31.49
CA VAL B 170 -5.87 19.39 -31.25
C VAL B 170 -6.72 19.09 -32.48
N PHE B 171 -6.43 19.73 -33.61
CA PHE B 171 -7.19 19.42 -34.82
C PHE B 171 -6.99 17.95 -35.16
N ALA B 172 -5.74 17.51 -35.18
CA ALA B 172 -5.42 16.11 -35.46
C ALA B 172 -6.26 15.17 -34.59
N LEU B 173 -6.33 15.47 -33.31
CA LEU B 173 -7.05 14.62 -32.36
C LEU B 173 -8.56 14.78 -32.43
N SER B 174 -9.01 15.98 -32.80
CA SER B 174 -10.45 16.24 -32.89
C SER B 174 -11.08 15.49 -34.06
N THR B 175 -10.29 15.19 -35.08
CA THR B 175 -10.78 14.45 -36.22
C THR B 175 -10.31 13.00 -36.17
N HIS B 176 -10.03 12.52 -34.95
CA HIS B 176 -9.57 11.15 -34.72
C HIS B 176 -10.61 10.37 -33.93
N PRO B 177 -10.78 9.08 -34.25
CA PRO B 177 -11.82 8.24 -33.63
C PRO B 177 -11.68 8.16 -32.12
N TYR B 178 -10.45 8.17 -31.63
CA TYR B 178 -10.19 8.09 -30.20
C TYR B 178 -9.95 9.48 -29.63
N GLY B 179 -9.19 10.28 -30.37
CA GLY B 179 -8.79 11.60 -29.92
C GLY B 179 -9.96 12.51 -29.61
N CYS B 180 -10.99 12.46 -30.45
CA CYS B 180 -12.17 13.30 -30.27
C CYS B 180 -12.89 12.97 -28.96
N ARG B 181 -12.73 11.73 -28.50
CA ARG B 181 -13.27 11.33 -27.20
C ARG B 181 -12.47 12.00 -26.08
N VAL B 182 -11.15 11.82 -26.12
CA VAL B 182 -10.26 12.38 -25.11
C VAL B 182 -10.38 13.90 -25.01
N ILE B 183 -10.59 14.55 -26.15
CA ILE B 183 -10.79 16.00 -26.15
C ILE B 183 -12.07 16.38 -25.40
N GLN B 184 -13.15 15.66 -25.66
CA GLN B 184 -14.40 15.95 -24.97
C GLN B 184 -14.23 15.81 -23.45
N ARG B 185 -13.63 14.70 -23.02
CA ARG B 185 -13.46 14.46 -21.59
C ARG B 185 -12.66 15.61 -20.97
N ILE B 186 -11.73 16.16 -21.74
CA ILE B 186 -10.93 17.27 -21.26
C ILE B 186 -11.76 18.51 -21.05
N LEU B 187 -12.62 18.81 -22.02
CA LEU B 187 -13.49 19.96 -21.93
C LEU B 187 -14.53 19.75 -20.83
N GLU B 188 -14.68 18.50 -20.39
CA GLU B 188 -15.63 18.18 -19.33
C GLU B 188 -15.02 18.25 -17.93
N HIS B 189 -13.77 17.81 -17.81
CA HIS B 189 -13.21 17.59 -16.48
C HIS B 189 -12.04 18.50 -16.13
N CYS B 190 -11.39 19.07 -17.14
CA CYS B 190 -10.18 19.83 -16.90
C CYS B 190 -10.38 21.26 -16.43
N LEU B 191 -9.37 21.77 -15.73
CA LEU B 191 -9.38 23.15 -15.24
C LEU B 191 -9.37 24.13 -16.40
N PRO B 192 -9.92 25.33 -16.18
CA PRO B 192 -9.92 26.39 -17.20
C PRO B 192 -8.53 26.65 -17.78
N ASP B 193 -7.51 26.68 -16.92
CA ASP B 193 -6.14 26.91 -17.39
C ASP B 193 -5.77 25.85 -18.41
N GLN B 194 -6.39 24.68 -18.25
CA GLN B 194 -6.02 23.51 -19.04
C GLN B 194 -6.84 23.47 -20.32
N THR B 195 -8.05 24.00 -20.26
CA THR B 195 -8.94 23.98 -21.40
C THR B 195 -8.71 25.16 -22.36
N LEU B 196 -8.32 26.30 -21.82
CA LEU B 196 -8.02 27.48 -22.65
C LEU B 196 -7.16 27.16 -23.87
N PRO B 197 -5.98 26.55 -23.66
CA PRO B 197 -5.11 26.22 -24.79
C PRO B 197 -5.83 25.37 -25.82
N ILE B 198 -6.74 24.54 -25.34
CA ILE B 198 -7.47 23.59 -26.18
C ILE B 198 -8.53 24.30 -27.04
N LEU B 199 -9.33 25.12 -26.39
CA LEU B 199 -10.37 25.86 -27.10
C LEU B 199 -9.73 26.78 -28.12
N GLU B 200 -8.66 27.45 -27.70
CA GLU B 200 -7.89 28.31 -28.60
C GLU B 200 -7.58 27.57 -29.90
N GLU B 201 -6.92 26.44 -29.79
CA GLU B 201 -6.51 25.67 -30.95
C GLU B 201 -7.70 25.17 -31.78
N LEU B 202 -8.81 24.93 -31.09
CA LEU B 202 -10.03 24.43 -31.73
C LEU B 202 -10.65 25.45 -32.67
N HIS B 203 -10.66 26.72 -32.28
CA HIS B 203 -11.32 27.75 -33.07
C HIS B 203 -10.60 27.95 -34.41
N GLN B 204 -9.29 27.77 -34.40
CA GLN B 204 -8.48 27.84 -35.61
C GLN B 204 -8.88 26.79 -36.66
N HIS B 205 -9.89 25.99 -36.35
CA HIS B 205 -10.26 24.88 -37.23
C HIS B 205 -11.76 24.56 -37.27
N THR B 206 -12.56 25.34 -36.57
CA THR B 206 -14.01 25.17 -36.58
C THR B 206 -14.54 24.73 -37.95
N GLU B 207 -14.20 25.48 -38.98
CA GLU B 207 -14.72 25.22 -40.32
C GLU B 207 -14.56 23.77 -40.75
N GLN B 208 -13.37 23.19 -40.53
CA GLN B 208 -13.14 21.81 -40.92
C GLN B 208 -13.84 20.85 -39.96
N LEU B 209 -13.74 21.16 -38.68
CA LEU B 209 -14.22 20.28 -37.61
C LEU B 209 -15.71 20.03 -37.69
N VAL B 210 -16.48 21.06 -38.00
CA VAL B 210 -17.93 20.95 -37.98
C VAL B 210 -18.40 20.02 -39.10
N GLN B 211 -17.53 19.81 -40.09
CA GLN B 211 -17.84 18.97 -41.23
C GLN B 211 -17.27 17.58 -41.05
N ASP B 212 -16.35 17.43 -40.10
CA ASP B 212 -15.69 16.14 -39.88
C ASP B 212 -16.62 15.14 -39.19
N GLN B 213 -16.39 13.87 -39.47
CA GLN B 213 -17.20 12.79 -38.92
C GLN B 213 -17.05 12.64 -37.41
N TYR B 214 -15.91 13.06 -36.88
CA TYR B 214 -15.65 13.00 -35.44
C TYR B 214 -15.55 14.39 -34.86
N GLY B 215 -15.05 15.32 -35.66
CA GLY B 215 -14.90 16.69 -35.20
C GLY B 215 -16.22 17.35 -34.86
N ASN B 216 -17.29 16.95 -35.55
CA ASN B 216 -18.58 17.58 -35.35
C ASN B 216 -19.05 17.37 -33.92
N TYR B 217 -18.67 16.23 -33.36
CA TYR B 217 -19.02 15.88 -32.00
C TYR B 217 -18.33 16.78 -30.99
N VAL B 218 -17.04 17.04 -31.22
CA VAL B 218 -16.28 17.92 -30.34
C VAL B 218 -16.87 19.32 -30.35
N ILE B 219 -17.26 19.79 -31.53
CA ILE B 219 -17.84 21.13 -31.67
C ILE B 219 -19.16 21.22 -30.92
N GLN B 220 -20.06 20.27 -31.16
CA GLN B 220 -21.33 20.22 -30.45
C GLN B 220 -21.10 20.21 -28.96
N HIS B 221 -20.01 19.60 -28.55
CA HIS B 221 -19.69 19.58 -27.13
C HIS B 221 -19.57 21.00 -26.62
N VAL B 222 -18.68 21.78 -27.23
CA VAL B 222 -18.42 23.14 -26.80
C VAL B 222 -19.67 23.99 -26.82
N LEU B 223 -20.62 23.62 -27.68
CA LEU B 223 -21.87 24.35 -27.77
C LEU B 223 -22.82 23.97 -26.63
N GLU B 224 -22.74 22.71 -26.20
CA GLU B 224 -23.64 22.19 -25.18
C GLU B 224 -23.12 22.42 -23.77
N HIS B 225 -21.85 22.74 -23.65
CA HIS B 225 -21.20 22.74 -22.33
C HIS B 225 -20.18 23.87 -22.15
N GLY B 226 -19.61 24.36 -23.25
CA GLY B 226 -18.55 25.35 -23.19
C GLY B 226 -18.97 26.77 -22.82
N ARG B 227 -18.06 27.71 -22.99
CA ARG B 227 -18.30 29.11 -22.61
C ARG B 227 -19.00 29.88 -23.72
N PRO B 228 -19.99 30.71 -23.33
CA PRO B 228 -20.74 31.57 -24.27
C PRO B 228 -19.82 32.17 -25.33
N GLU B 229 -18.72 32.80 -24.89
CA GLU B 229 -17.77 33.43 -25.80
C GLU B 229 -17.15 32.43 -26.80
N ASP B 230 -17.06 31.16 -26.37
CA ASP B 230 -16.57 30.07 -27.22
C ASP B 230 -17.63 29.64 -28.23
N LYS B 231 -18.87 29.55 -27.76
CA LYS B 231 -20.02 29.24 -28.60
C LYS B 231 -20.18 30.29 -29.69
N SER B 232 -19.96 31.56 -29.34
CA SER B 232 -20.13 32.65 -30.30
C SER B 232 -19.17 32.52 -31.46
N LYS B 233 -17.97 32.00 -31.21
CA LYS B 233 -17.00 31.85 -32.27
C LYS B 233 -17.47 30.80 -33.28
N ILE B 234 -17.91 29.65 -32.75
CA ILE B 234 -18.47 28.59 -33.59
C ILE B 234 -19.66 29.09 -34.42
N VAL B 235 -20.56 29.84 -33.78
CA VAL B 235 -21.74 30.37 -34.45
C VAL B 235 -21.33 31.29 -35.61
N ALA B 236 -20.32 32.12 -35.35
CA ALA B 236 -19.85 33.07 -36.36
C ALA B 236 -19.28 32.39 -37.60
N GLU B 237 -18.87 31.13 -37.43
CA GLU B 237 -18.33 30.37 -38.54
C GLU B 237 -19.47 29.71 -39.30
N ILE B 238 -20.61 29.59 -38.64
CA ILE B 238 -21.80 28.95 -39.20
C ILE B 238 -22.61 29.93 -40.04
N ARG B 239 -22.72 31.16 -39.55
CA ARG B 239 -23.46 32.19 -40.25
C ARG B 239 -23.01 32.30 -41.69
N GLY B 240 -23.98 32.48 -42.59
CA GLY B 240 -23.70 32.53 -44.02
C GLY B 240 -23.53 31.17 -44.66
N ASN B 241 -23.52 30.12 -43.83
CA ASN B 241 -23.36 28.76 -44.34
C ASN B 241 -24.47 27.85 -43.88
N VAL B 242 -25.52 28.45 -43.33
CA VAL B 242 -26.55 27.67 -42.66
C VAL B 242 -27.17 26.66 -43.60
N LEU B 243 -27.63 27.13 -44.73
CA LEU B 243 -28.28 26.28 -45.72
C LEU B 243 -27.41 25.08 -46.08
N VAL B 244 -26.15 25.35 -46.40
CA VAL B 244 -25.25 24.28 -46.86
C VAL B 244 -24.91 23.31 -45.75
N LEU B 245 -24.63 23.83 -44.56
CA LEU B 245 -24.25 22.99 -43.44
C LEU B 245 -25.44 22.21 -42.92
N SER B 246 -26.63 22.77 -43.08
CA SER B 246 -27.82 22.11 -42.56
C SER B 246 -28.21 20.93 -43.45
N GLN B 247 -27.68 20.91 -44.66
CA GLN B 247 -27.93 19.81 -45.58
C GLN B 247 -26.83 18.76 -45.47
N HIS B 248 -25.85 19.06 -44.61
CA HIS B 248 -24.67 18.24 -44.47
C HIS B 248 -24.90 17.17 -43.41
N LYS B 249 -24.45 15.95 -43.68
CA LYS B 249 -24.73 14.81 -42.78
C LYS B 249 -24.17 15.04 -41.38
N PHE B 250 -22.95 15.57 -41.32
CA PHE B 250 -22.30 15.80 -40.05
C PHE B 250 -22.56 17.20 -39.48
N ALA B 251 -22.40 18.23 -40.31
CA ALA B 251 -22.52 19.60 -39.82
C ALA B 251 -23.95 19.99 -39.45
N SER B 252 -24.94 19.27 -39.96
CA SER B 252 -26.32 19.64 -39.67
C SER B 252 -26.63 19.50 -38.18
N ASN B 253 -25.88 18.63 -37.50
CA ASN B 253 -26.02 18.50 -36.06
C ASN B 253 -25.45 19.71 -35.33
N VAL B 254 -24.28 20.17 -35.80
CA VAL B 254 -23.65 21.38 -35.26
C VAL B 254 -24.58 22.56 -35.40
N VAL B 255 -25.22 22.65 -36.57
CA VAL B 255 -26.17 23.71 -36.86
C VAL B 255 -27.29 23.75 -35.83
N GLU B 256 -27.92 22.60 -35.59
CA GLU B 256 -28.98 22.51 -34.60
C GLU B 256 -28.51 23.07 -33.27
N LYS B 257 -27.38 22.57 -32.78
CA LYS B 257 -26.82 23.04 -31.51
C LYS B 257 -26.52 24.55 -31.51
N CYS B 258 -26.07 25.08 -32.65
CA CYS B 258 -25.93 26.54 -32.77
C CYS B 258 -27.26 27.20 -32.52
N VAL B 259 -28.27 26.74 -33.25
CA VAL B 259 -29.58 27.34 -33.16
C VAL B 259 -30.10 27.28 -31.73
N THR B 260 -29.80 26.18 -31.05
CA THR B 260 -30.33 25.92 -29.73
C THR B 260 -29.55 26.60 -28.60
N HIS B 261 -28.23 26.61 -28.72
CA HIS B 261 -27.36 27.08 -27.65
C HIS B 261 -26.81 28.49 -27.91
N ALA B 262 -27.32 29.15 -28.94
CA ALA B 262 -26.87 30.50 -29.26
C ALA B 262 -27.59 31.55 -28.41
N SER B 263 -27.03 32.76 -28.38
CA SER B 263 -27.64 33.88 -27.70
C SER B 263 -28.89 34.34 -28.45
N ARG B 264 -29.73 35.15 -27.82
CA ARG B 264 -30.92 35.66 -28.50
C ARG B 264 -30.57 36.19 -29.90
N THR B 265 -29.69 37.18 -29.94
CA THR B 265 -29.24 37.80 -31.19
C THR B 265 -28.82 36.76 -32.22
N GLU B 266 -27.87 35.91 -31.84
CA GLU B 266 -27.35 34.90 -32.77
C GLU B 266 -28.46 34.00 -33.31
N ARG B 267 -29.31 33.49 -32.43
CA ARG B 267 -30.41 32.64 -32.85
C ARG B 267 -31.31 33.34 -33.86
N ALA B 268 -31.61 34.61 -33.61
CA ALA B 268 -32.48 35.40 -34.48
C ALA B 268 -31.90 35.58 -35.88
N VAL B 269 -30.58 35.76 -35.94
CA VAL B 269 -29.86 35.96 -37.18
C VAL B 269 -29.67 34.67 -37.99
N LEU B 270 -29.52 33.54 -37.30
CA LEU B 270 -29.41 32.24 -37.95
C LEU B 270 -30.74 31.84 -38.60
N ILE B 271 -31.85 32.23 -37.99
CA ILE B 271 -33.16 31.85 -38.50
C ILE B 271 -33.55 32.79 -39.63
N ASP B 272 -33.22 34.06 -39.47
CA ASP B 272 -33.49 35.06 -40.50
C ASP B 272 -32.71 34.77 -41.77
N GLU B 273 -31.50 34.26 -41.60
CA GLU B 273 -30.64 33.97 -42.72
C GLU B 273 -31.34 33.06 -43.73
N VAL B 274 -32.06 32.05 -43.24
CA VAL B 274 -32.66 31.09 -44.15
C VAL B 274 -34.07 31.46 -44.60
N CYS B 275 -34.70 32.40 -43.89
CA CYS B 275 -35.99 32.94 -44.28
C CYS B 275 -35.80 34.00 -45.36
N THR B 276 -34.68 34.69 -45.28
CA THR B 276 -34.41 35.86 -46.10
C THR B 276 -33.62 35.50 -47.34
N MET B 277 -32.67 34.59 -47.19
CA MET B 277 -31.87 34.13 -48.31
C MET B 277 -32.68 33.16 -49.16
N ASN B 278 -32.73 33.43 -50.46
CA ASN B 278 -33.43 32.55 -51.39
C ASN B 278 -32.48 31.52 -51.97
N ASP B 279 -33.04 30.42 -52.45
CA ASP B 279 -32.24 29.38 -53.08
C ASP B 279 -32.96 28.93 -54.34
N GLY B 280 -32.75 29.68 -55.42
CA GLY B 280 -33.44 29.43 -56.68
C GLY B 280 -34.79 30.11 -56.72
N PRO B 281 -35.84 29.35 -57.07
CA PRO B 281 -37.21 29.83 -57.18
C PRO B 281 -37.95 29.82 -55.85
N HIS B 282 -37.24 29.87 -54.73
CA HIS B 282 -37.90 29.84 -53.43
C HIS B 282 -36.94 30.19 -52.31
N SER B 283 -37.45 30.29 -51.08
CA SER B 283 -36.59 30.60 -49.94
C SER B 283 -35.65 29.44 -49.65
N ALA B 284 -34.52 29.75 -49.04
CA ALA B 284 -33.58 28.72 -48.61
C ALA B 284 -34.25 27.82 -47.59
N LEU B 285 -35.24 28.37 -46.88
CA LEU B 285 -35.98 27.60 -45.89
C LEU B 285 -36.78 26.47 -46.55
N TYR B 286 -37.21 26.68 -47.80
CA TYR B 286 -37.99 25.67 -48.51
C TYR B 286 -37.14 24.45 -48.86
N THR B 287 -35.93 24.70 -49.34
CA THR B 287 -34.98 23.63 -49.65
C THR B 287 -34.71 22.77 -48.42
N MET B 288 -34.53 23.43 -47.29
CA MET B 288 -34.20 22.75 -46.04
C MET B 288 -35.36 21.86 -45.60
N MET B 289 -36.58 22.29 -45.89
CA MET B 289 -37.77 21.53 -45.55
C MET B 289 -37.83 20.12 -46.18
N LYS B 290 -37.28 19.99 -47.38
CA LYS B 290 -37.32 18.72 -48.13
C LYS B 290 -36.04 17.92 -47.97
N ASP B 291 -35.02 18.53 -47.37
CA ASP B 291 -33.71 17.89 -47.23
C ASP B 291 -33.70 16.89 -46.09
N GLN B 292 -32.92 15.82 -46.24
CA GLN B 292 -32.90 14.72 -45.26
C GLN B 292 -32.26 15.09 -43.92
N TYR B 293 -31.38 16.09 -43.93
CA TYR B 293 -30.70 16.50 -42.71
C TYR B 293 -31.22 17.84 -42.25
N ALA B 294 -31.50 18.71 -43.21
CA ALA B 294 -31.91 20.08 -42.93
C ALA B 294 -33.27 20.18 -42.25
N ASN B 295 -34.17 19.23 -42.53
CA ASN B 295 -35.49 19.25 -41.94
C ASN B 295 -35.45 19.22 -40.41
N TYR B 296 -34.39 18.63 -39.85
CA TYR B 296 -34.20 18.60 -38.40
C TYR B 296 -33.87 20.00 -37.90
N VAL B 297 -33.05 20.70 -38.68
CA VAL B 297 -32.63 22.05 -38.36
C VAL B 297 -33.85 22.98 -38.34
N VAL B 298 -34.68 22.85 -39.38
CA VAL B 298 -35.88 23.67 -39.51
C VAL B 298 -36.81 23.51 -38.32
N GLN B 299 -36.83 22.31 -37.76
CA GLN B 299 -37.73 22.02 -36.64
C GLN B 299 -37.17 22.64 -35.39
N LYS B 300 -35.85 22.57 -35.28
CA LYS B 300 -35.16 23.09 -34.12
C LYS B 300 -35.28 24.61 -34.11
N MET B 301 -35.44 25.21 -35.28
CA MET B 301 -35.62 26.66 -35.39
C MET B 301 -37.03 27.06 -35.01
N ILE B 302 -38.01 26.31 -35.50
CA ILE B 302 -39.39 26.54 -35.09
C ILE B 302 -39.46 26.51 -33.56
N ASP B 303 -38.92 25.46 -32.96
CA ASP B 303 -38.96 25.29 -31.51
C ASP B 303 -38.43 26.49 -30.72
N VAL B 304 -37.30 27.04 -31.14
CA VAL B 304 -36.63 28.08 -30.37
C VAL B 304 -36.97 29.49 -30.83
N ALA B 305 -37.59 29.61 -31.99
CA ALA B 305 -37.93 30.92 -32.51
C ALA B 305 -38.74 31.68 -31.47
N GLU B 306 -38.40 32.94 -31.25
CA GLU B 306 -39.26 33.82 -30.45
C GLU B 306 -40.59 33.90 -31.19
N PRO B 307 -41.71 34.09 -30.46
CA PRO B 307 -43.03 34.09 -31.08
C PRO B 307 -43.13 34.99 -32.33
N GLY B 308 -42.59 36.19 -32.25
CA GLY B 308 -42.61 37.10 -33.38
C GLY B 308 -41.97 36.50 -34.61
N GLN B 309 -40.81 35.89 -34.42
CA GLN B 309 -40.05 35.29 -35.51
C GLN B 309 -40.62 33.96 -35.96
N ARG B 310 -41.15 33.18 -35.03
CA ARG B 310 -41.80 31.93 -35.38
C ARG B 310 -42.93 32.17 -36.35
N LYS B 311 -43.50 33.37 -36.29
CA LYS B 311 -44.62 33.73 -37.16
C LYS B 311 -44.16 33.85 -38.60
N ILE B 312 -43.03 34.51 -38.79
CA ILE B 312 -42.44 34.70 -40.11
C ILE B 312 -42.10 33.36 -40.73
N VAL B 313 -41.38 32.55 -39.96
CA VAL B 313 -41.01 31.21 -40.39
C VAL B 313 -42.23 30.41 -40.82
N MET B 314 -43.25 30.38 -39.96
CA MET B 314 -44.50 29.71 -40.32
C MET B 314 -45.02 30.24 -41.64
N HIS B 315 -44.92 31.55 -41.81
CA HIS B 315 -45.39 32.22 -43.00
C HIS B 315 -44.72 31.70 -44.27
N LYS B 316 -43.39 31.54 -44.22
CA LYS B 316 -42.62 31.08 -45.38
C LYS B 316 -42.81 29.57 -45.62
N ILE B 317 -43.51 28.92 -44.70
CA ILE B 317 -43.84 27.51 -44.87
C ILE B 317 -45.26 27.32 -45.41
N ARG B 318 -46.19 28.12 -44.89
CA ARG B 318 -47.59 28.05 -45.27
C ARG B 318 -47.83 27.83 -46.78
N PRO B 319 -47.20 28.66 -47.63
CA PRO B 319 -47.41 28.60 -49.08
C PRO B 319 -46.96 27.29 -49.72
N HIS B 320 -46.19 26.49 -49.00
CA HIS B 320 -45.60 25.30 -49.60
C HIS B 320 -46.10 23.99 -48.97
N ILE B 321 -47.18 24.06 -48.21
CA ILE B 321 -47.78 22.86 -47.62
C ILE B 321 -48.08 21.80 -48.69
N ALA B 322 -48.63 22.26 -49.81
CA ALA B 322 -48.94 21.38 -50.93
C ALA B 322 -47.70 20.59 -51.34
N THR B 323 -46.79 21.27 -52.02
CA THR B 323 -45.55 20.66 -52.49
C THR B 323 -44.85 19.83 -51.39
N LEU B 324 -44.99 20.25 -50.13
CA LEU B 324 -44.31 19.57 -49.03
C LEU B 324 -44.80 18.14 -48.79
N ARG B 325 -46.12 17.98 -48.66
CA ARG B 325 -46.70 16.67 -48.36
C ARG B 325 -46.26 15.60 -49.35
N LYS B 326 -45.81 16.04 -50.52
CA LYS B 326 -45.37 15.13 -51.57
C LYS B 326 -44.00 14.51 -51.25
N TYR B 327 -43.06 15.34 -50.82
CA TYR B 327 -41.68 14.91 -50.56
C TYR B 327 -41.51 14.08 -49.30
N THR B 328 -40.53 13.18 -49.32
CA THR B 328 -40.33 12.25 -48.21
C THR B 328 -40.14 12.98 -46.89
N TYR B 329 -39.21 13.93 -46.87
CA TYR B 329 -38.82 14.60 -45.63
C TYR B 329 -39.69 15.83 -45.33
N GLY B 330 -40.36 16.35 -46.35
CA GLY B 330 -41.32 17.41 -46.14
C GLY B 330 -42.44 16.94 -45.23
N LYS B 331 -42.69 15.63 -45.24
CA LYS B 331 -43.77 15.03 -44.49
C LYS B 331 -43.56 15.12 -42.99
N HIS B 332 -42.33 15.46 -42.59
CA HIS B 332 -41.98 15.49 -41.18
C HIS B 332 -42.13 16.91 -40.62
N ILE B 333 -41.92 17.91 -41.46
CA ILE B 333 -42.16 19.30 -41.09
C ILE B 333 -43.65 19.48 -40.83
N LEU B 334 -44.47 18.85 -41.66
CA LEU B 334 -45.91 18.89 -41.50
C LEU B 334 -46.31 18.19 -40.22
N ALA B 335 -45.83 16.96 -40.06
CA ALA B 335 -46.07 16.18 -38.85
C ALA B 335 -45.56 16.93 -37.61
N LYS B 336 -44.68 17.91 -37.84
CA LYS B 336 -44.19 18.76 -36.76
C LYS B 336 -45.20 19.85 -36.42
N LEU B 337 -46.27 19.92 -37.20
CA LEU B 337 -47.28 20.95 -37.00
C LEU B 337 -48.60 20.39 -36.51
N GLU B 338 -48.56 19.18 -35.98
CA GLU B 338 -49.65 18.62 -35.20
C GLU B 338 -49.51 19.11 -33.76
N LYS B 339 -48.74 20.19 -33.60
CA LYS B 339 -48.48 20.78 -32.28
C LYS B 339 -48.47 22.31 -32.35
N TYR B 340 -48.89 22.87 -33.48
CA TYR B 340 -48.94 24.32 -33.65
C TYR B 340 -50.21 24.72 -34.38
CL CL E . -0.70 -49.36 38.18
CL CL F . -40.77 31.49 -51.59
#